data_6IMV
#
_entry.id   6IMV
#
_cell.length_a   92.088
_cell.length_b   118.104
_cell.length_c   93.428
_cell.angle_alpha   90.00
_cell.angle_beta   90.00
_cell.angle_gamma   90.00
#
_symmetry.space_group_name_H-M   'P 21 21 2'
#
loop_
_entity.id
_entity.type
_entity.pdbx_description
1 polymer Endo-beta-1,2-glucanase
2 branched 2-acetamido-2-deoxy-beta-D-glucopyranose-(1-4)-2-acetamido-2-deoxy-beta-D-glucopyranose
3 branched beta-D-glucopyranose-(1-2)-alpha-D-glucopyranose
4 non-polymer 2-acetamido-2-deoxy-beta-D-glucopyranose
5 non-polymer beta-D-glucopyranose
6 non-polymer DI(HYDROXYETHYL)ETHER
7 water water
#
_entity_poly.entity_id   1
_entity_poly.type   'polypeptide(L)'
_entity_poly.pdbx_seq_one_letter_code
;AGIHHHHHHSSEPSCRFAHQYTQEQVLQNPSKFINDVLFWEGKFHQNNISYNSGNGMSYDGTNIDWVTGEGTVKHPFSAA
SKESLQVMLYAHAIAGSADAARFLSPNNPSAAPGIAASIMDTKLQTYLRFNETYPGFGGFLPWFTSSSQDLTPTWDWNNR
VPGLDNGELLWAVYAFIQAAENTSNKSFIDLAKKWQTWMDYTKTTAAHIFYQGEGKVCAVTDIKNQSLPVYHPEQTYACE
GTSYLNDPYEGELFTWWLQFFGGLSDADIEALWEYKRPQLVSVDYHIGNVGPITVQKGYWFSSHETWKVLEMPYYDIDII
RRVFQNAERARTCNSVVTQVPGMFASINNVTDPATGDVVGYISNAGIPSIANQTIQELDVITPYSVFPTVLFDKGVGMAW
WRNMAIGKKMQNIYGSTESTRRDGTGVSALLTWDSKVSTVNAILGGVSGLVSQKMKAENIYNTFVERIEAEYSRVFKNLK
GEHVPFCLPQETVPDTGLVDFTTCN
;
_entity_poly.pdbx_strand_id   A,B
#
loop_
_chem_comp.id
_chem_comp.type
_chem_comp.name
_chem_comp.formula
BGC D-saccharide, beta linking beta-D-glucopyranose 'C6 H12 O6'
GLC D-saccharide, alpha linking alpha-D-glucopyranose 'C6 H12 O6'
NAG D-saccharide, beta linking 2-acetamido-2-deoxy-beta-D-glucopyranose 'C8 H15 N O6'
PEG non-polymer DI(HYDROXYETHYL)ETHER 'C4 H10 O3'
#
# COMPACT_ATOMS: atom_id res chain seq x y z
N GLU A 12 30.41 11.85 4.26
CA GLU A 12 29.04 11.65 4.81
C GLU A 12 28.90 10.23 5.34
N PRO A 13 28.10 10.00 6.41
CA PRO A 13 28.13 8.74 7.15
C PRO A 13 27.57 7.56 6.34
N SER A 14 28.06 6.35 6.64
CA SER A 14 27.49 5.11 6.09
C SER A 14 26.04 4.99 6.56
N CYS A 15 25.22 4.32 5.76
CA CYS A 15 23.85 4.05 6.12
C CYS A 15 23.76 3.32 7.46
N ARG A 16 24.66 2.35 7.68
CA ARG A 16 24.63 1.49 8.84
C ARG A 16 25.60 2.02 9.90
N PHE A 17 25.53 3.32 10.20
CA PHE A 17 26.48 4.00 11.07
C PHE A 17 26.30 3.59 12.55
N ALA A 18 25.11 3.11 12.93
CA ALA A 18 24.82 2.86 14.34
C ALA A 18 25.86 1.90 14.95
N HIS A 19 26.24 0.85 14.22
CA HIS A 19 27.19 -0.13 14.78
C HIS A 19 28.65 0.22 14.45
N GLN A 20 28.89 1.36 13.77
CA GLN A 20 30.23 1.91 13.58
C GLN A 20 30.72 2.62 14.85
N TYR A 21 29.80 2.98 15.76
CA TYR A 21 30.09 3.56 17.06
C TYR A 21 29.91 2.51 18.16
N THR A 22 30.71 2.62 19.22
CA THR A 22 30.45 1.93 20.49
C THR A 22 29.49 2.78 21.32
N GLN A 23 28.83 2.15 22.30
CA GLN A 23 27.95 2.86 23.22
C GLN A 23 28.71 3.97 23.93
N GLU A 24 29.91 3.68 24.44
CA GLU A 24 30.70 4.66 25.17
C GLU A 24 31.08 5.83 24.24
N GLN A 25 31.30 5.55 22.96
CA GLN A 25 31.67 6.63 22.01
C GLN A 25 30.49 7.58 21.80
N VAL A 26 29.26 7.04 21.83
CA VAL A 26 28.06 7.90 21.77
C VAL A 26 28.07 8.86 22.96
N LEU A 27 28.35 8.34 24.16
CA LEU A 27 28.33 9.17 25.38
C LEU A 27 29.49 10.17 25.41
N GLN A 28 30.63 9.81 24.81
CA GLN A 28 31.81 10.68 24.77
C GLN A 28 31.57 11.87 23.82
N ASN A 29 30.78 11.68 22.77
CA ASN A 29 30.51 12.75 21.80
C ASN A 29 29.11 12.58 21.21
N PRO A 30 28.04 12.90 21.98
CA PRO A 30 26.67 12.74 21.47
C PRO A 30 26.42 13.52 20.18
N SER A 31 27.00 14.71 20.06
CA SER A 31 26.80 15.60 18.92
C SER A 31 27.25 14.92 17.62
N LYS A 32 28.39 14.24 17.67
CA LYS A 32 28.92 13.61 16.48
C LYS A 32 27.94 12.54 16.00
N PHE A 33 27.45 11.72 16.94
CA PHE A 33 26.51 10.66 16.62
C PHE A 33 25.21 11.27 16.08
N ILE A 34 24.72 12.33 16.74
CA ILE A 34 23.46 12.96 16.36
C ILE A 34 23.56 13.54 14.94
N ASN A 35 24.75 14.02 14.58
CA ASN A 35 25.01 14.56 13.24
C ASN A 35 24.78 13.47 12.18
N ASP A 36 25.17 12.23 12.50
CA ASP A 36 24.96 11.09 11.60
C ASP A 36 23.46 10.76 11.54
N VAL A 37 22.82 10.77 12.71
CA VAL A 37 21.39 10.45 12.84
C VAL A 37 20.57 11.39 11.94
N LEU A 38 20.81 12.69 12.06
CA LEU A 38 20.03 13.70 11.36
C LEU A 38 20.15 13.53 9.85
N PHE A 39 21.37 13.21 9.38
CA PHE A 39 21.66 13.04 7.95
C PHE A 39 20.73 11.97 7.36
N TRP A 40 20.69 10.80 8.00
CA TRP A 40 19.91 9.69 7.46
C TRP A 40 18.41 9.88 7.73
N GLU A 41 18.05 10.46 8.87
CA GLU A 41 16.65 10.79 9.15
C GLU A 41 16.09 11.70 8.04
N GLY A 42 16.91 12.66 7.60
CA GLY A 42 16.56 13.59 6.54
C GLY A 42 16.18 12.93 5.22
N LYS A 43 16.69 11.72 4.96
CA LYS A 43 16.36 10.99 3.72
C LYS A 43 14.89 10.55 3.72
N PHE A 44 14.27 10.53 4.90
CA PHE A 44 12.83 10.29 5.02
C PHE A 44 12.05 11.39 4.30
N HIS A 45 12.63 12.60 4.30
CA HIS A 45 11.97 13.79 3.74
C HIS A 45 12.11 13.80 2.22
N GLN A 46 11.24 13.04 1.55
CA GLN A 46 11.20 12.94 0.10
C GLN A 46 9.75 12.72 -0.34
N ASN A 47 9.42 13.18 -1.54
CA ASN A 47 8.15 12.94 -2.19
C ASN A 47 7.91 11.42 -2.27
N ASN A 48 6.66 11.02 -2.00
CA ASN A 48 6.18 9.64 -2.08
C ASN A 48 6.73 8.78 -0.93
N ILE A 49 7.58 9.36 -0.06
CA ILE A 49 8.09 8.64 1.10
C ILE A 49 7.37 9.15 2.36
N SER A 50 7.47 10.47 2.61
CA SER A 50 6.93 11.08 3.84
C SER A 50 5.92 12.18 3.53
N TYR A 51 5.93 12.73 2.30
CA TYR A 51 4.98 13.77 1.96
C TYR A 51 4.73 13.78 0.44
N ASN A 52 3.67 14.51 0.07
CA ASN A 52 3.29 14.76 -1.31
C ASN A 52 3.79 16.17 -1.67
N SER A 53 4.81 16.26 -2.53
CA SER A 53 5.40 17.56 -2.90
C SER A 53 4.43 18.40 -3.74
N GLY A 54 3.43 17.74 -4.36
CA GLY A 54 2.43 18.44 -5.14
C GLY A 54 1.52 19.32 -4.30
N ASN A 55 1.12 18.84 -3.12
CA ASN A 55 0.18 19.59 -2.26
C ASN A 55 0.81 19.96 -0.91
N GLY A 56 2.05 19.54 -0.67
CA GLY A 56 2.80 19.90 0.54
C GLY A 56 2.33 19.14 1.77
N MET A 57 1.54 18.08 1.59
CA MET A 57 0.90 17.39 2.71
C MET A 57 1.71 16.14 3.10
N SER A 58 1.76 15.86 4.41
CA SER A 58 2.39 14.65 4.92
C SER A 58 1.59 13.42 4.49
N TYR A 59 2.32 12.32 4.29
CA TYR A 59 1.80 10.97 4.42
C TYR A 59 2.21 10.43 5.78
N ASP A 60 1.40 9.54 6.36
CA ASP A 60 1.76 8.88 7.62
C ASP A 60 3.18 8.31 7.50
N GLY A 61 3.48 7.72 6.34
CA GLY A 61 4.79 7.16 6.05
C GLY A 61 4.72 6.19 4.88
N THR A 62 5.60 5.20 4.89
CA THR A 62 5.64 4.21 3.81
C THR A 62 6.25 2.90 4.31
N ASN A 63 5.76 1.81 3.74
CA ASN A 63 6.39 0.50 3.85
C ASN A 63 7.70 0.52 3.06
N ILE A 64 8.65 -0.29 3.50
CA ILE A 64 9.87 -0.54 2.77
C ILE A 64 10.00 -2.06 2.57
N ASP A 65 10.65 -2.44 1.47
CA ASP A 65 10.73 -3.84 1.08
C ASP A 65 11.51 -4.64 2.13
N TRP A 66 10.96 -5.80 2.48
CA TRP A 66 11.51 -6.67 3.49
C TRP A 66 13.02 -6.93 3.26
N VAL A 67 13.39 -7.18 2.00
CA VAL A 67 14.76 -7.54 1.65
C VAL A 67 15.58 -6.29 1.35
N THR A 68 15.09 -5.40 0.49
CA THR A 68 15.92 -4.30 -0.04
C THR A 68 15.96 -3.10 0.90
N GLY A 69 14.89 -2.90 1.68
CA GLY A 69 14.75 -1.70 2.53
C GLY A 69 14.44 -0.44 1.72
N GLU A 70 13.97 -0.60 0.48
CA GLU A 70 13.57 0.52 -0.38
C GLU A 70 12.07 0.78 -0.24
N GLY A 71 11.67 2.04 -0.37
CA GLY A 71 10.26 2.43 -0.39
C GLY A 71 9.47 1.59 -1.37
N THR A 72 8.32 1.07 -0.92
CA THR A 72 7.44 0.25 -1.76
C THR A 72 6.04 0.90 -1.82
N VAL A 73 5.31 0.81 -0.70
CA VAL A 73 3.88 1.09 -0.58
C VAL A 73 3.73 2.20 0.47
N LYS A 74 3.39 3.42 0.03
CA LYS A 74 3.13 4.52 0.97
C LYS A 74 1.81 4.29 1.72
N HIS A 75 1.70 4.89 2.90
CA HIS A 75 0.40 5.17 3.53
C HIS A 75 -0.14 6.45 2.91
N PRO A 76 -1.29 6.40 2.20
CA PRO A 76 -1.82 7.59 1.51
C PRO A 76 -2.63 8.53 2.41
N PHE A 77 -2.65 8.24 3.71
CA PHE A 77 -3.42 9.00 4.69
C PHE A 77 -2.45 9.63 5.70
N SER A 78 -2.93 10.64 6.43
CA SER A 78 -2.17 11.28 7.50
C SER A 78 -3.17 12.01 8.40
N ALA A 79 -2.64 12.86 9.29
CA ALA A 79 -3.44 13.55 10.28
C ALA A 79 -2.66 14.76 10.79
N ALA A 80 -3.34 15.63 11.55
CA ALA A 80 -2.78 16.89 12.04
C ALA A 80 -1.60 16.61 12.99
N SER A 81 -1.57 15.43 13.60
CA SER A 81 -0.49 14.98 14.48
C SER A 81 0.83 14.83 13.71
N LYS A 82 0.79 14.25 12.52
CA LYS A 82 2.00 14.11 11.67
C LYS A 82 2.36 15.47 11.06
N GLU A 83 1.34 16.24 10.68
CA GLU A 83 1.52 17.62 10.24
C GLU A 83 2.32 18.43 11.28
N SER A 84 2.03 18.21 12.57
CA SER A 84 2.69 18.92 13.67
C SER A 84 4.19 18.62 13.69
N LEU A 85 4.58 17.38 13.37
CA LEU A 85 5.99 16.99 13.37
C LEU A 85 6.74 17.64 12.19
N GLN A 86 6.08 17.70 11.04
CA GLN A 86 6.63 18.29 9.83
C GLN A 86 6.77 19.81 10.03
N VAL A 87 5.72 20.44 10.58
CA VAL A 87 5.70 21.88 10.77
C VAL A 87 6.78 22.30 11.80
N MET A 88 6.90 21.53 12.89
CA MET A 88 7.91 21.81 13.91
C MET A 88 9.32 21.78 13.29
N LEU A 89 9.58 20.77 12.45
CA LEU A 89 10.87 20.64 11.75
C LEU A 89 11.08 21.90 10.90
N TYR A 90 10.04 22.32 10.16
CA TYR A 90 10.12 23.47 9.27
C TYR A 90 10.32 24.78 10.05
N ALA A 91 9.82 24.85 11.28
CA ALA A 91 10.01 26.03 12.13
C ALA A 91 11.51 26.21 12.40
N HIS A 92 12.19 25.11 12.74
CA HIS A 92 13.64 25.15 12.98
C HIS A 92 14.40 25.47 11.68
N ALA A 93 13.98 24.83 10.58
CA ALA A 93 14.63 24.97 9.29
C ALA A 93 14.57 26.44 8.82
N ILE A 94 13.39 27.05 8.89
CA ILE A 94 13.22 28.42 8.39
C ILE A 94 13.98 29.42 9.27
N ALA A 95 14.19 29.08 10.55
CA ALA A 95 14.91 29.94 11.49
C ALA A 95 16.43 29.85 11.28
N GLY A 96 16.88 28.94 10.43
CA GLY A 96 18.29 28.81 10.05
C GLY A 96 19.06 27.84 10.94
N SER A 97 18.34 26.98 11.68
CA SER A 97 18.96 25.93 12.51
C SER A 97 19.88 25.05 11.65
N ALA A 98 21.12 24.87 12.11
CA ALA A 98 22.12 24.10 11.38
C ALA A 98 21.77 22.61 11.44
N ASP A 99 21.25 22.17 12.59
CA ASP A 99 20.80 20.78 12.78
C ASP A 99 19.61 20.48 11.85
N ALA A 100 18.63 21.39 11.77
CA ALA A 100 17.49 21.21 10.87
C ALA A 100 17.97 21.15 9.41
N ALA A 101 19.04 21.91 9.08
CA ALA A 101 19.61 21.94 7.73
C ALA A 101 20.35 20.62 7.43
N ARG A 102 21.00 20.04 8.44
CA ARG A 102 21.64 18.73 8.31
C ARG A 102 20.59 17.66 7.91
N PHE A 103 19.38 17.79 8.45
CA PHE A 103 18.21 16.96 8.09
C PHE A 103 17.71 17.31 6.69
N LEU A 104 17.37 18.59 6.46
CA LEU A 104 16.61 19.00 5.25
C LEU A 104 17.53 19.09 4.03
N SER A 105 18.76 19.57 4.22
CA SER A 105 19.59 20.02 3.10
C SER A 105 21.07 19.94 3.47
N PRO A 106 21.59 18.74 3.80
CA PRO A 106 22.93 18.61 4.40
C PRO A 106 24.06 19.12 3.50
N ASN A 107 23.93 18.91 2.20
CA ASN A 107 25.00 19.24 1.25
C ASN A 107 24.87 20.71 0.80
N ASN A 108 23.74 21.34 1.12
CA ASN A 108 23.51 22.77 0.87
C ASN A 108 22.66 23.38 1.97
N PRO A 109 23.25 23.67 3.15
CA PRO A 109 22.49 24.15 4.30
C PRO A 109 21.70 25.44 4.07
N SER A 110 22.24 26.32 3.22
CA SER A 110 21.64 27.62 2.95
C SER A 110 20.24 27.45 2.32
N ALA A 111 20.00 26.32 1.63
CA ALA A 111 18.73 26.08 0.95
C ALA A 111 17.61 25.69 1.93
N ALA A 112 17.95 25.27 3.16
CA ALA A 112 16.97 24.69 4.10
C ALA A 112 15.79 25.63 4.34
N PRO A 113 16.01 26.93 4.66
CA PRO A 113 14.89 27.85 4.90
C PRO A 113 13.94 27.97 3.70
N GLY A 114 14.51 28.07 2.50
CA GLY A 114 13.72 28.15 1.25
C GLY A 114 12.88 26.91 1.03
N ILE A 115 13.45 25.74 1.33
CA ILE A 115 12.73 24.47 1.19
C ILE A 115 11.53 24.46 2.16
N ALA A 116 11.77 24.79 3.43
CA ALA A 116 10.68 24.85 4.42
C ALA A 116 9.59 25.84 3.98
N ALA A 117 10.02 27.04 3.54
CA ALA A 117 9.08 28.11 3.16
C ALA A 117 8.21 27.64 1.98
N SER A 118 8.86 27.05 0.98
CA SER A 118 8.18 26.60 -0.22
C SER A 118 7.10 25.55 0.09
N ILE A 119 7.45 24.54 0.90
CA ILE A 119 6.52 23.47 1.21
C ILE A 119 5.36 24.02 2.05
N MET A 120 5.66 24.92 3.00
CA MET A 120 4.64 25.46 3.90
C MET A 120 3.67 26.36 3.11
N ASP A 121 4.15 26.98 2.03
CA ASP A 121 3.31 27.77 1.14
C ASP A 121 2.34 26.85 0.40
N THR A 122 2.89 25.82 -0.24
CA THR A 122 2.08 24.81 -0.94
C THR A 122 1.07 24.19 0.03
N LYS A 123 1.54 23.85 1.24
CA LYS A 123 0.71 23.17 2.26
C LYS A 123 -0.49 24.06 2.62
N LEU A 124 -0.25 25.35 2.87
CA LEU A 124 -1.31 26.27 3.27
C LEU A 124 -2.40 26.31 2.18
N GLN A 125 -1.97 26.39 0.91
CA GLN A 125 -2.91 26.40 -0.22
C GLN A 125 -3.85 25.18 -0.11
N THR A 126 -3.28 24.01 0.19
CA THR A 126 -4.03 22.76 0.31
C THR A 126 -5.01 22.81 1.49
N TYR A 127 -4.53 23.30 2.64
CA TYR A 127 -5.36 23.50 3.83
C TYR A 127 -6.59 24.34 3.48
N LEU A 128 -6.39 25.41 2.69
CA LEU A 128 -7.44 26.38 2.39
C LEU A 128 -8.45 25.79 1.39
N ARG A 129 -7.99 25.01 0.41
CA ARG A 129 -8.88 24.28 -0.53
C ARG A 129 -9.74 23.28 0.26
N PHE A 130 -9.14 22.62 1.25
CA PHE A 130 -9.87 21.67 2.10
C PHE A 130 -10.96 22.39 2.89
N ASN A 131 -10.62 23.53 3.48
CA ASN A 131 -11.56 24.32 4.26
C ASN A 131 -12.76 24.74 3.38
N GLU A 132 -12.48 25.15 2.15
CA GLU A 132 -13.47 25.61 1.19
C GLU A 132 -14.45 24.48 0.86
N THR A 133 -13.94 23.27 0.60
CA THR A 133 -14.74 22.11 0.21
C THR A 133 -15.45 21.52 1.43
N TYR A 134 -14.79 21.54 2.60
CA TYR A 134 -15.32 20.93 3.85
C TYR A 134 -15.34 21.96 4.98
N PRO A 135 -16.17 23.03 4.84
CA PRO A 135 -16.18 24.11 5.84
C PRO A 135 -16.66 23.67 7.23
N GLY A 136 -17.38 22.54 7.30
CA GLY A 136 -17.91 22.00 8.56
C GLY A 136 -16.83 21.64 9.58
N PHE A 137 -15.59 21.44 9.13
CA PHE A 137 -14.47 21.12 10.02
C PHE A 137 -13.99 22.37 10.76
N GLY A 138 -14.47 23.55 10.35
CA GLY A 138 -14.16 24.83 11.02
C GLY A 138 -12.67 25.16 11.04
N GLY A 139 -11.93 24.68 10.02
CA GLY A 139 -10.51 24.99 9.84
C GLY A 139 -9.57 23.97 10.48
N PHE A 140 -10.14 22.95 11.12
CA PHE A 140 -9.43 21.83 11.68
C PHE A 140 -9.33 20.71 10.65
N LEU A 141 -8.47 19.73 10.92
CA LEU A 141 -8.25 18.62 9.99
C LEU A 141 -8.67 17.31 10.65
N PRO A 142 -9.44 16.46 9.93
CA PRO A 142 -9.67 15.07 10.33
C PRO A 142 -8.43 14.26 9.90
N TRP A 143 -8.47 12.95 10.10
CA TRP A 143 -7.59 12.07 9.32
C TRP A 143 -7.98 12.20 7.85
N PHE A 144 -6.98 12.34 6.99
CA PHE A 144 -7.20 12.73 5.59
C PHE A 144 -6.36 11.85 4.66
N THR A 145 -6.82 11.78 3.40
CA THR A 145 -6.12 11.17 2.30
C THR A 145 -5.37 12.28 1.55
N SER A 146 -4.06 12.13 1.43
CA SER A 146 -3.19 13.19 0.89
C SER A 146 -2.55 12.78 -0.45
N SER A 147 -2.95 11.64 -1.02
CA SER A 147 -2.33 11.06 -2.23
C SER A 147 -2.80 11.78 -3.50
N SER A 148 -3.94 12.49 -3.47
CA SER A 148 -4.33 13.35 -4.62
C SER A 148 -4.13 14.82 -4.22
N GLN A 149 -4.29 15.72 -5.21
CA GLN A 149 -3.92 17.12 -5.03
C GLN A 149 -4.80 17.77 -3.93
N ASP A 150 -6.09 17.45 -3.92
CA ASP A 150 -6.99 17.95 -2.89
C ASP A 150 -7.16 16.88 -1.80
N LEU A 151 -7.15 17.32 -0.54
CA LEU A 151 -7.46 16.48 0.61
C LEU A 151 -8.93 16.06 0.58
N THR A 152 -9.15 14.82 1.01
CA THR A 152 -10.44 14.31 1.43
C THR A 152 -10.27 13.68 2.82
N PRO A 153 -11.32 13.67 3.66
CA PRO A 153 -11.29 12.86 4.87
C PRO A 153 -11.08 11.39 4.46
N THR A 154 -10.39 10.60 5.28
CA THR A 154 -10.44 9.15 5.10
C THR A 154 -11.89 8.72 5.37
N TRP A 155 -12.28 7.55 4.87
CA TRP A 155 -13.65 7.06 4.95
C TRP A 155 -14.16 7.17 6.40
N ASP A 156 -13.39 6.61 7.32
CA ASP A 156 -13.75 6.52 8.73
C ASP A 156 -13.91 7.92 9.35
N TRP A 157 -13.31 8.96 8.74
CA TRP A 157 -13.23 10.26 9.38
C TRP A 157 -14.08 11.33 8.67
N ASN A 158 -14.94 10.90 7.74
CA ASN A 158 -16.02 11.77 7.29
C ASN A 158 -16.81 12.22 8.51
N ASN A 159 -17.05 13.53 8.63
CA ASN A 159 -17.91 14.11 9.67
C ASN A 159 -17.40 13.81 11.09
N ARG A 160 -16.09 13.61 11.24
CA ARG A 160 -15.49 13.35 12.56
C ARG A 160 -14.16 14.10 12.62
N VAL A 161 -13.88 14.76 13.76
CA VAL A 161 -12.65 15.52 13.90
C VAL A 161 -12.08 15.35 15.31
N PRO A 162 -10.77 15.04 15.42
CA PRO A 162 -10.13 14.80 16.71
C PRO A 162 -9.44 16.06 17.25
N GLY A 163 -9.72 16.39 18.52
CA GLY A 163 -9.13 17.54 19.17
C GLY A 163 -7.62 17.38 19.39
N LEU A 164 -7.20 16.16 19.76
CA LEU A 164 -5.82 15.93 20.17
C LEU A 164 -4.85 16.30 19.04
N ASP A 165 -5.05 15.71 17.86
CA ASP A 165 -4.15 15.89 16.73
C ASP A 165 -4.07 17.38 16.36
N ASN A 166 -5.23 18.06 16.43
CA ASN A 166 -5.32 19.46 16.05
C ASN A 166 -4.59 20.34 17.06
N GLY A 167 -4.68 19.97 18.35
CA GLY A 167 -3.94 20.69 19.39
C GLY A 167 -2.45 20.72 19.10
N GLU A 168 -1.93 19.56 18.66
CA GLU A 168 -0.51 19.41 18.30
C GLU A 168 -0.17 20.33 17.12
N LEU A 169 -1.00 20.32 16.07
CA LEU A 169 -0.73 21.10 14.87
C LEU A 169 -0.73 22.60 15.19
N LEU A 170 -1.69 23.05 16.00
CA LEU A 170 -1.91 24.48 16.20
C LEU A 170 -0.69 25.14 16.87
N TRP A 171 -0.13 24.50 17.90
CA TRP A 171 1.05 25.07 18.57
C TRP A 171 2.29 24.94 17.68
N ALA A 172 2.31 23.94 16.79
CA ALA A 172 3.43 23.82 15.84
C ALA A 172 3.40 25.00 14.86
N VAL A 173 2.20 25.33 14.37
CA VAL A 173 2.01 26.46 13.45
C VAL A 173 2.34 27.77 14.17
N TYR A 174 1.94 27.89 15.44
CA TYR A 174 2.24 29.02 16.31
C TYR A 174 3.76 29.25 16.34
N ALA A 175 4.52 28.16 16.57
CA ALA A 175 6.00 28.19 16.55
C ALA A 175 6.54 28.64 15.18
N PHE A 176 6.00 28.02 14.11
CA PHE A 176 6.49 28.28 12.77
C PHE A 176 6.34 29.76 12.42
N ILE A 177 5.19 30.33 12.78
CA ILE A 177 4.89 31.74 12.53
C ILE A 177 5.97 32.59 13.19
N GLN A 178 6.26 32.30 14.47
CA GLN A 178 7.27 33.03 15.20
C GLN A 178 8.64 32.88 14.52
N ALA A 179 9.00 31.65 14.14
CA ALA A 179 10.30 31.38 13.51
C ALA A 179 10.44 32.20 12.22
N ALA A 180 9.39 32.19 11.40
CA ALA A 180 9.38 32.88 10.11
C ALA A 180 9.55 34.40 10.30
N GLU A 181 8.83 34.95 11.29
CA GLU A 181 8.87 36.39 11.57
C GLU A 181 10.23 36.77 12.16
N ASN A 182 10.86 35.87 12.92
CA ASN A 182 12.17 36.11 13.51
C ASN A 182 13.26 36.30 12.45
N THR A 183 13.04 35.86 11.19
CA THR A 183 14.06 35.96 10.14
C THR A 183 14.17 37.40 9.58
N SER A 184 13.12 38.22 9.75
CA SER A 184 13.04 39.55 9.09
C SER A 184 13.03 39.46 7.55
N ASN A 185 12.94 38.25 6.98
CA ASN A 185 12.83 38.05 5.53
C ASN A 185 11.38 38.35 5.13
N LYS A 186 11.19 39.24 4.15
CA LYS A 186 9.87 39.80 3.89
C LYS A 186 8.93 38.72 3.37
N SER A 187 9.40 37.83 2.49
CA SER A 187 8.54 36.77 1.95
C SER A 187 8.21 35.73 3.02
N PHE A 188 9.15 35.47 3.95
CA PHE A 188 8.89 34.55 5.07
C PHE A 188 7.85 35.16 6.01
N ILE A 189 7.93 36.49 6.23
CA ILE A 189 6.95 37.19 7.08
C ILE A 189 5.56 37.12 6.45
N ASP A 190 5.47 37.35 5.14
CA ASP A 190 4.21 37.27 4.39
C ASP A 190 3.60 35.86 4.50
N LEU A 191 4.44 34.84 4.30
CA LEU A 191 4.01 33.44 4.48
C LEU A 191 3.45 33.25 5.90
N ALA A 192 4.17 33.78 6.89
CA ALA A 192 3.81 33.66 8.31
C ALA A 192 2.43 34.25 8.57
N LYS A 193 2.15 35.41 7.96
CA LYS A 193 0.90 36.15 8.19
C LYS A 193 -0.29 35.38 7.59
N LYS A 194 -0.06 34.69 6.47
CA LYS A 194 -1.10 33.84 5.87
C LYS A 194 -1.38 32.64 6.81
N TRP A 195 -0.34 32.07 7.41
CA TRP A 195 -0.49 31.00 8.38
C TRP A 195 -1.19 31.53 9.65
N GLN A 196 -0.89 32.77 10.03
CA GLN A 196 -1.54 33.40 11.19
C GLN A 196 -3.06 33.48 10.95
N THR A 197 -3.45 33.84 9.72
CA THR A 197 -4.87 33.91 9.33
C THR A 197 -5.53 32.54 9.48
N TRP A 198 -4.87 31.48 8.97
CA TRP A 198 -5.39 30.11 9.10
C TRP A 198 -5.56 29.77 10.59
N MET A 199 -4.50 30.00 11.37
CA MET A 199 -4.46 29.63 12.78
C MET A 199 -5.53 30.41 13.55
N ASP A 200 -5.69 31.69 13.22
CA ASP A 200 -6.63 32.58 13.92
C ASP A 200 -8.07 32.12 13.67
N TYR A 201 -8.33 31.56 12.49
CA TYR A 201 -9.70 31.13 12.16
C TYR A 201 -10.14 30.02 13.12
N THR A 202 -9.23 29.10 13.46
CA THR A 202 -9.56 27.99 14.38
C THR A 202 -9.99 28.51 15.76
N LYS A 203 -9.47 29.68 16.17
CA LYS A 203 -9.80 30.27 17.47
C LYS A 203 -11.31 30.59 17.53
N THR A 204 -11.87 31.00 16.39
CA THR A 204 -13.28 31.41 16.29
C THR A 204 -14.22 30.20 16.30
N THR A 205 -13.75 29.00 15.93
CA THR A 205 -14.61 27.82 15.81
C THR A 205 -14.36 26.80 16.93
N ALA A 206 -13.26 26.92 17.69
CA ALA A 206 -12.76 25.85 18.60
C ALA A 206 -13.82 25.48 19.66
N ALA A 207 -14.34 26.47 20.40
CA ALA A 207 -15.29 26.22 21.47
C ALA A 207 -16.59 25.62 20.90
N HIS A 208 -17.10 26.19 19.80
CA HIS A 208 -18.36 25.74 19.19
C HIS A 208 -18.25 24.28 18.76
N ILE A 209 -17.07 23.88 18.26
CA ILE A 209 -16.90 22.54 17.75
C ILE A 209 -16.54 21.57 18.89
N PHE A 210 -15.71 21.96 19.86
CA PHE A 210 -15.10 20.97 20.79
C PHE A 210 -15.52 21.13 22.26
N TYR A 211 -16.06 22.29 22.66
CA TYR A 211 -16.35 22.50 24.09
C TYR A 211 -17.82 22.21 24.38
N GLN A 212 -18.07 21.12 25.12
CA GLN A 212 -19.43 20.66 25.46
C GLN A 212 -20.00 21.45 26.64
N GLY A 213 -19.11 21.88 27.55
CA GLY A 213 -19.49 22.61 28.75
C GLY A 213 -19.06 21.86 30.00
N GLU A 214 -19.01 22.58 31.12
CA GLU A 214 -18.65 22.04 32.43
C GLU A 214 -17.29 21.33 32.35
N GLY A 215 -16.36 21.91 31.57
CA GLY A 215 -14.97 21.47 31.48
C GLY A 215 -14.78 20.28 30.54
N LYS A 216 -15.85 19.85 29.86
CA LYS A 216 -15.81 18.68 28.99
C LYS A 216 -15.48 19.12 27.57
N VAL A 217 -14.39 18.54 27.03
CA VAL A 217 -13.90 18.83 25.67
C VAL A 217 -13.92 17.53 24.89
N CYS A 218 -14.58 17.50 23.72
CA CYS A 218 -14.68 16.26 22.94
C CYS A 218 -13.28 15.79 22.49
N ALA A 219 -12.99 14.51 22.70
CA ALA A 219 -11.84 13.86 22.07
C ALA A 219 -12.07 13.79 20.56
N VAL A 220 -13.29 13.41 20.18
CA VAL A 220 -13.72 13.40 18.79
C VAL A 220 -15.08 14.08 18.71
N THR A 221 -15.20 15.08 17.82
CA THR A 221 -16.46 15.75 17.56
C THR A 221 -17.09 15.15 16.29
N ASP A 222 -18.36 14.77 16.41
CA ASP A 222 -19.20 14.34 15.31
C ASP A 222 -19.91 15.58 14.73
N ILE A 223 -19.76 15.75 13.41
CA ILE A 223 -20.27 16.86 12.64
C ILE A 223 -21.51 16.36 11.88
N LYS A 224 -22.62 17.10 11.92
CA LYS A 224 -23.80 16.68 11.19
C LYS A 224 -23.45 16.50 9.71
N ASN A 225 -22.84 17.51 9.11
CA ASN A 225 -22.49 17.46 7.70
C ASN A 225 -21.33 18.41 7.41
N GLN A 226 -20.16 17.81 7.13
CA GLN A 226 -18.90 18.51 6.84
C GLN A 226 -19.01 19.47 5.65
N SER A 227 -20.01 19.26 4.78
CA SER A 227 -20.22 20.14 3.62
C SER A 227 -20.89 21.45 4.04
N LEU A 228 -21.54 21.48 5.21
CA LEU A 228 -22.24 22.69 5.68
C LEU A 228 -21.28 23.58 6.45
N PRO A 229 -21.28 24.92 6.21
CA PRO A 229 -20.57 25.87 7.05
C PRO A 229 -20.81 25.64 8.55
N VAL A 230 -19.88 26.14 9.38
CA VAL A 230 -19.88 25.90 10.81
C VAL A 230 -21.20 26.39 11.41
N TYR A 231 -21.69 27.54 10.91
CA TYR A 231 -22.89 28.17 11.48
C TYR A 231 -24.07 28.09 10.50
N HIS A 232 -24.05 27.12 9.58
CA HIS A 232 -25.26 26.82 8.80
C HIS A 232 -26.37 26.46 9.77
N PRO A 233 -27.62 26.91 9.53
CA PRO A 233 -28.71 26.67 10.49
C PRO A 233 -28.96 25.20 10.86
N GLU A 234 -28.54 24.27 10.00
CA GLU A 234 -28.73 22.84 10.20
C GLU A 234 -27.49 22.15 10.76
N GLN A 235 -26.35 22.84 10.82
CA GLN A 235 -25.11 22.23 11.28
C GLN A 235 -25.22 21.97 12.78
N THR A 236 -24.70 20.83 13.24
CA THR A 236 -24.55 20.55 14.67
C THR A 236 -23.20 19.87 14.93
N TYR A 237 -22.75 20.02 16.17
CA TYR A 237 -21.55 19.35 16.67
C TYR A 237 -21.90 18.66 18.00
N ALA A 238 -21.44 17.43 18.18
CA ALA A 238 -21.61 16.73 19.44
C ALA A 238 -20.38 15.86 19.69
N CYS A 239 -20.03 15.68 20.97
CA CYS A 239 -18.95 14.76 21.32
C CYS A 239 -19.34 13.34 20.92
N GLU A 240 -18.35 12.59 20.42
CA GLU A 240 -18.52 11.20 20.13
C GLU A 240 -18.41 10.42 21.43
N GLY A 241 -19.52 9.80 21.83
CA GLY A 241 -19.62 9.11 23.10
C GLY A 241 -19.31 10.02 24.27
N THR A 242 -18.56 9.49 25.22
CA THR A 242 -18.28 10.15 26.48
C THR A 242 -16.75 10.22 26.70
N SER A 243 -16.00 10.25 25.60
CA SER A 243 -14.53 10.39 25.59
C SER A 243 -14.15 11.87 25.51
N TYR A 244 -13.46 12.37 26.53
CA TYR A 244 -13.08 13.77 26.60
C TYR A 244 -11.56 13.90 26.73
N LEU A 245 -11.05 15.04 26.25
CA LEU A 245 -9.67 15.45 26.49
C LEU A 245 -9.57 15.96 27.92
N ASN A 246 -9.30 15.04 28.86
CA ASN A 246 -9.38 15.36 30.29
C ASN A 246 -8.14 14.86 31.05
N ASP A 247 -7.03 14.64 30.35
CA ASP A 247 -5.85 14.05 30.98
C ASP A 247 -4.60 14.89 30.69
N PRO A 248 -3.45 14.59 31.34
CA PRO A 248 -2.22 15.37 31.14
C PRO A 248 -1.37 15.00 29.90
N TYR A 249 -1.91 14.18 29.01
CA TYR A 249 -1.14 13.71 27.84
C TYR A 249 -1.35 14.72 26.69
N GLU A 250 -1.30 14.26 25.43
CA GLU A 250 -1.08 15.18 24.29
C GLU A 250 -2.28 16.10 24.11
N GLY A 251 -3.46 15.65 24.54
CA GLY A 251 -4.69 16.41 24.44
C GLY A 251 -4.67 17.70 25.22
N GLU A 252 -3.73 17.83 26.16
CA GLU A 252 -3.64 19.03 26.99
C GLU A 252 -3.31 20.25 26.13
N LEU A 253 -2.62 20.05 25.01
CA LEU A 253 -2.31 21.15 24.08
C LEU A 253 -3.61 21.82 23.61
N PHE A 254 -4.63 21.01 23.34
CA PHE A 254 -5.89 21.55 22.86
C PHE A 254 -6.61 22.32 23.98
N THR A 255 -6.53 21.82 25.21
CA THR A 255 -7.07 22.53 26.38
C THR A 255 -6.58 23.98 26.38
N TRP A 256 -5.26 24.17 26.21
CA TRP A 256 -4.64 25.50 26.21
C TRP A 256 -5.19 26.36 25.08
N TRP A 257 -5.44 25.74 23.91
CA TRP A 257 -5.98 26.44 22.78
C TRP A 257 -7.34 27.07 23.13
N LEU A 258 -8.22 26.27 23.74
CA LEU A 258 -9.53 26.73 24.18
C LEU A 258 -9.36 27.83 25.22
N GLN A 259 -8.50 27.63 26.21
CA GLN A 259 -8.36 28.58 27.31
C GLN A 259 -7.92 29.94 26.77
N PHE A 260 -6.85 29.98 25.99
CA PHE A 260 -6.27 31.24 25.57
C PHE A 260 -7.09 31.91 24.47
N PHE A 261 -7.69 31.14 23.56
CA PHE A 261 -8.19 31.69 22.29
C PHE A 261 -9.66 31.37 22.00
N GLY A 262 -10.31 30.54 22.82
CA GLY A 262 -11.62 29.99 22.49
C GLY A 262 -12.78 30.91 22.84
N GLY A 263 -12.52 31.96 23.64
CA GLY A 263 -13.54 32.87 24.14
C GLY A 263 -14.34 32.26 25.30
N LEU A 264 -13.71 31.40 26.09
CA LEU A 264 -14.38 30.81 27.26
C LEU A 264 -14.42 31.84 28.40
N SER A 265 -15.45 31.75 29.26
CA SER A 265 -15.53 32.54 30.49
C SER A 265 -14.50 32.03 31.50
N ASP A 266 -14.22 32.84 32.52
CA ASP A 266 -13.34 32.48 33.63
C ASP A 266 -13.83 31.19 34.28
N ALA A 267 -15.16 31.07 34.44
CA ALA A 267 -15.78 29.91 35.07
C ALA A 267 -15.50 28.63 34.25
N ASP A 268 -15.55 28.75 32.92
CA ASP A 268 -15.35 27.62 32.02
C ASP A 268 -13.87 27.20 32.00
N ILE A 269 -12.97 28.19 32.06
CA ILE A 269 -11.52 27.95 32.17
C ILE A 269 -11.25 27.17 33.47
N GLU A 270 -11.85 27.61 34.58
CA GLU A 270 -11.67 26.91 35.86
C GLU A 270 -12.23 25.48 35.73
N ALA A 271 -13.36 25.33 35.04
CA ALA A 271 -13.98 24.00 34.85
C ALA A 271 -13.07 23.07 34.02
N LEU A 272 -12.35 23.62 33.03
CA LEU A 272 -11.40 22.82 32.24
C LEU A 272 -10.42 22.10 33.18
N TRP A 273 -9.81 22.87 34.10
CA TRP A 273 -8.75 22.34 34.95
C TRP A 273 -9.33 21.47 36.07
N GLU A 274 -10.52 21.82 36.54
CA GLU A 274 -11.20 21.05 37.57
C GLU A 274 -11.53 19.66 37.04
N TYR A 275 -12.10 19.61 35.83
CA TYR A 275 -12.53 18.36 35.24
C TYR A 275 -11.31 17.48 34.91
N LYS A 276 -10.17 18.13 34.65
CA LYS A 276 -8.92 17.45 34.31
C LYS A 276 -8.24 16.86 35.56
N ARG A 277 -8.50 17.45 36.73
CA ARG A 277 -7.66 17.28 37.93
C ARG A 277 -7.55 15.81 38.35
N PRO A 278 -8.63 15.01 38.36
CA PRO A 278 -8.53 13.61 38.78
C PRO A 278 -7.63 12.73 37.90
N GLN A 279 -7.27 13.20 36.69
CA GLN A 279 -6.44 12.41 35.77
C GLN A 279 -4.95 12.75 35.95
N LEU A 280 -4.65 13.77 36.78
CA LEU A 280 -3.28 14.15 37.14
C LEU A 280 -2.94 13.50 38.48
N VAL A 281 -2.09 12.46 38.44
CA VAL A 281 -1.92 11.54 39.57
C VAL A 281 -0.42 11.26 39.77
N SER A 282 -0.02 11.25 41.04
CA SER A 282 1.33 10.88 41.47
C SER A 282 1.36 9.38 41.78
N VAL A 283 2.33 8.66 41.21
CA VAL A 283 2.57 7.27 41.58
C VAL A 283 4.08 7.05 41.62
N ASP A 284 4.48 6.01 42.35
CA ASP A 284 5.88 5.67 42.49
C ASP A 284 6.16 4.41 41.67
N TYR A 285 7.13 4.52 40.75
CA TYR A 285 7.70 3.37 40.09
C TYR A 285 8.66 2.67 41.07
N HIS A 286 8.49 1.36 41.24
CA HIS A 286 9.36 0.59 42.13
C HIS A 286 9.30 -0.88 41.74
N ILE A 287 10.35 -1.34 41.05
CA ILE A 287 10.51 -2.73 40.66
C ILE A 287 11.96 -3.14 40.95
N GLY A 288 12.12 -4.31 41.59
CA GLY A 288 13.42 -4.80 42.03
C GLY A 288 14.16 -3.72 42.82
N ASN A 289 15.40 -3.45 42.39
CA ASN A 289 16.29 -2.50 43.07
C ASN A 289 16.18 -1.10 42.45
N VAL A 290 15.15 -0.86 41.62
CA VAL A 290 14.99 0.44 40.96
C VAL A 290 13.82 1.16 41.62
N GLY A 291 14.12 2.25 42.34
CA GLY A 291 13.12 3.15 42.88
C GLY A 291 13.05 3.09 44.41
N PRO A 292 12.05 3.72 45.06
CA PRO A 292 10.93 4.33 44.34
C PRO A 292 11.30 5.60 43.57
N ILE A 293 10.66 5.79 42.42
CA ILE A 293 10.74 7.02 41.63
C ILE A 293 9.32 7.56 41.42
N THR A 294 9.06 8.76 41.92
CA THR A 294 7.76 9.41 41.76
C THR A 294 7.64 9.96 40.34
N VAL A 295 6.55 9.57 39.67
CA VAL A 295 6.26 10.00 38.32
C VAL A 295 4.80 10.43 38.22
N GLN A 296 4.51 11.18 37.14
CA GLN A 296 3.16 11.36 36.66
C GLN A 296 2.65 10.04 36.09
N LYS A 297 1.53 9.55 36.63
CA LYS A 297 0.90 8.34 36.14
C LYS A 297 0.52 8.52 34.67
N GLY A 298 0.89 7.53 33.85
CA GLY A 298 0.66 7.56 32.41
C GLY A 298 -0.67 6.93 32.03
N TYR A 299 -1.01 7.01 30.74
CA TYR A 299 -2.13 6.25 30.22
C TYR A 299 -1.65 4.81 30.06
N TRP A 300 -0.66 4.60 29.18
CA TRP A 300 0.15 3.38 29.15
C TRP A 300 1.56 3.63 29.70
N PHE A 301 1.93 4.91 29.84
CA PHE A 301 3.32 5.38 29.99
C PHE A 301 4.13 5.06 28.72
N SER A 302 3.44 5.06 27.58
CA SER A 302 4.05 5.20 26.27
C SER A 302 4.75 6.57 26.19
N SER A 303 5.94 6.59 25.58
CA SER A 303 6.71 7.82 25.43
C SER A 303 5.86 8.92 24.74
N HIS A 304 5.00 8.52 23.80
CA HIS A 304 4.25 9.49 22.97
C HIS A 304 3.39 10.41 23.85
N GLU A 305 2.99 9.93 25.04
CA GLU A 305 2.10 10.67 25.95
C GLU A 305 2.73 11.98 26.43
N THR A 306 4.06 12.13 26.25
CA THR A 306 4.85 13.26 26.75
C THR A 306 5.01 14.36 25.67
N TRP A 307 4.38 14.15 24.50
CA TRP A 307 4.44 15.01 23.31
C TRP A 307 4.31 16.51 23.62
N LYS A 308 3.44 16.87 24.57
CA LYS A 308 3.10 18.28 24.83
C LYS A 308 4.34 19.11 25.15
N VAL A 309 5.36 18.50 25.77
CA VAL A 309 6.53 19.25 26.26
C VAL A 309 7.39 19.72 25.08
N LEU A 310 7.19 19.12 23.90
CA LEU A 310 7.86 19.55 22.66
C LEU A 310 7.29 20.89 22.15
N GLU A 311 6.07 21.23 22.57
CA GLU A 311 5.31 22.29 21.89
C GLU A 311 5.04 23.49 22.80
N MET A 312 5.07 23.32 24.13
CA MET A 312 4.86 24.44 25.05
C MET A 312 5.89 24.36 26.17
N PRO A 313 6.28 25.50 26.78
CA PRO A 313 7.40 25.54 27.72
C PRO A 313 7.08 25.01 29.14
N TYR A 314 6.61 23.75 29.19
CA TYR A 314 6.37 23.05 30.43
C TYR A 314 7.64 23.00 31.31
N TYR A 315 8.82 22.88 30.69
CA TYR A 315 10.06 22.66 31.44
C TYR A 315 10.65 23.97 31.96
N ASP A 316 9.99 25.12 31.70
CA ASP A 316 10.27 26.37 32.40
C ASP A 316 9.83 26.28 33.86
N ILE A 317 8.92 25.36 34.20
CA ILE A 317 8.44 25.17 35.57
C ILE A 317 9.24 24.02 36.19
N ASP A 318 9.95 24.33 37.29
N ASP A 318 9.95 24.33 37.29
CA ASP A 318 10.94 23.41 37.85
CA ASP A 318 10.93 23.42 37.86
C ASP A 318 10.26 22.14 38.39
C ASP A 318 10.26 22.14 38.39
N ILE A 319 9.10 22.26 39.07
CA ILE A 319 8.42 21.05 39.60
C ILE A 319 8.05 20.13 38.43
N ILE A 320 7.69 20.71 37.29
CA ILE A 320 7.31 19.93 36.12
C ILE A 320 8.56 19.27 35.52
N ARG A 321 9.63 20.05 35.36
N ARG A 321 9.62 20.06 35.36
CA ARG A 321 10.88 19.55 34.84
CA ARG A 321 10.88 19.55 34.84
C ARG A 321 11.35 18.34 35.68
C ARG A 321 11.35 18.34 35.68
N ARG A 322 11.24 18.46 37.01
CA ARG A 322 11.69 17.40 37.95
C ARG A 322 10.84 16.13 37.79
N VAL A 323 9.52 16.28 37.71
CA VAL A 323 8.60 15.14 37.56
C VAL A 323 8.88 14.44 36.23
N PHE A 324 9.11 15.22 35.18
CA PHE A 324 9.35 14.64 33.85
C PHE A 324 10.78 14.08 33.73
N GLN A 325 11.73 14.65 34.47
CA GLN A 325 13.06 14.06 34.56
C GLN A 325 12.95 12.68 35.23
N ASN A 326 12.19 12.60 36.32
CA ASN A 326 11.94 11.34 37.02
C ASN A 326 11.37 10.30 36.03
N ALA A 327 10.49 10.72 35.12
CA ALA A 327 9.88 9.81 34.15
C ALA A 327 10.97 9.05 33.39
N GLU A 328 12.08 9.73 33.08
CA GLU A 328 13.16 9.17 32.26
C GLU A 328 14.08 8.31 33.11
N ARG A 329 14.17 8.59 34.41
CA ARG A 329 14.83 7.69 35.35
C ARG A 329 14.08 6.35 35.35
N ALA A 330 12.74 6.43 35.44
CA ALA A 330 11.89 5.26 35.46
C ALA A 330 11.94 4.53 34.09
N ARG A 331 11.90 5.29 33.00
CA ARG A 331 11.75 4.69 31.67
C ARG A 331 13.02 3.91 31.31
N THR A 332 14.19 4.55 31.48
CA THR A 332 15.47 3.90 31.17
C THR A 332 15.72 2.72 32.12
N CYS A 333 15.57 2.94 33.42
CA CYS A 333 15.95 1.93 34.41
C CYS A 333 14.94 0.77 34.42
N ASN A 334 13.67 1.05 34.07
CA ASN A 334 12.65 0.00 33.93
C ASN A 334 13.11 -1.03 32.91
N SER A 335 13.70 -0.57 31.80
CA SER A 335 14.12 -1.45 30.73
C SER A 335 15.33 -2.30 31.16
N VAL A 336 16.26 -1.71 31.93
CA VAL A 336 17.40 -2.44 32.47
C VAL A 336 16.89 -3.53 33.43
N VAL A 337 16.06 -3.17 34.40
CA VAL A 337 15.65 -4.13 35.45
C VAL A 337 14.76 -5.23 34.82
N THR A 338 13.98 -4.93 33.77
CA THR A 338 13.14 -5.96 33.13
C THR A 338 13.85 -6.58 31.92
N GLN A 339 15.11 -6.17 31.68
CA GLN A 339 16.05 -6.79 30.71
C GLN A 339 15.53 -6.64 29.27
N VAL A 340 15.14 -5.41 28.91
CA VAL A 340 14.65 -5.07 27.57
C VAL A 340 15.69 -4.20 26.87
N PRO A 341 16.10 -4.55 25.64
CA PRO A 341 17.13 -3.80 24.91
C PRO A 341 16.60 -2.56 24.16
N GLY A 342 15.54 -1.97 24.71
CA GLY A 342 14.93 -0.79 24.16
C GLY A 342 13.88 -0.26 25.12
N MET A 343 13.09 0.72 24.66
CA MET A 343 11.99 1.22 25.46
C MET A 343 10.71 1.24 24.61
N PHE A 344 9.58 1.53 25.25
CA PHE A 344 8.24 1.25 24.72
C PHE A 344 7.45 2.53 24.42
N ALA A 345 6.74 2.49 23.29
CA ALA A 345 5.78 3.51 22.90
C ALA A 345 4.79 2.91 21.90
N SER A 346 3.59 3.49 21.82
CA SER A 346 2.61 3.13 20.81
C SER A 346 3.29 3.10 19.44
N ILE A 347 3.08 2.03 18.68
CA ILE A 347 3.89 1.73 17.50
C ILE A 347 3.20 0.68 16.62
N ASN A 348 3.51 0.71 15.32
CA ASN A 348 3.14 -0.34 14.39
C ASN A 348 3.86 -1.63 14.76
N ASN A 349 3.14 -2.74 14.59
CA ASN A 349 3.62 -4.08 14.81
C ASN A 349 4.51 -4.49 13.64
N VAL A 350 5.10 -5.69 13.75
CA VAL A 350 6.00 -6.24 12.75
C VAL A 350 5.27 -6.43 11.40
N THR A 351 6.09 -6.44 10.35
CA THR A 351 5.69 -6.83 9.02
C THR A 351 5.68 -8.36 8.94
N ASP A 352 4.65 -8.90 8.29
CA ASP A 352 4.64 -10.27 7.82
C ASP A 352 5.43 -10.31 6.51
N PRO A 353 6.62 -10.93 6.47
CA PRO A 353 7.43 -10.94 5.25
C PRO A 353 6.68 -11.56 4.05
N ALA A 354 5.79 -12.53 4.31
CA ALA A 354 5.03 -13.22 3.26
C ALA A 354 4.12 -12.23 2.51
N THR A 355 3.48 -11.31 3.24
CA THR A 355 2.48 -10.39 2.66
C THR A 355 3.06 -8.99 2.39
N GLY A 356 4.08 -8.60 3.16
CA GLY A 356 4.58 -7.24 3.14
C GLY A 356 3.70 -6.29 3.95
N ASP A 357 2.71 -6.81 4.68
CA ASP A 357 1.79 -5.98 5.46
C ASP A 357 2.21 -5.98 6.93
N VAL A 358 2.00 -4.83 7.57
CA VAL A 358 2.10 -4.69 9.02
C VAL A 358 0.91 -5.43 9.63
N VAL A 359 1.15 -6.21 10.70
CA VAL A 359 0.12 -7.12 11.21
C VAL A 359 -0.89 -6.36 12.07
N GLY A 360 -0.54 -5.16 12.55
CA GLY A 360 -1.46 -4.35 13.35
C GLY A 360 -0.75 -3.18 14.00
N TYR A 361 -1.51 -2.39 14.77
CA TYR A 361 -0.94 -1.30 15.56
C TYR A 361 -1.02 -1.63 17.05
N ILE A 362 0.11 -1.46 17.75
CA ILE A 362 0.20 -1.69 19.21
C ILE A 362 0.13 -0.35 19.93
N SER A 363 -1.05 0.00 20.45
CA SER A 363 -1.28 1.20 21.24
C SER A 363 -0.67 1.06 22.63
N ASN A 364 -0.89 -0.11 23.22
CA ASN A 364 -0.77 -0.33 24.66
C ASN A 364 0.64 -0.84 24.98
N ALA A 365 1.67 -0.06 24.63
CA ALA A 365 3.06 -0.38 24.92
C ALA A 365 3.68 0.73 25.76
N GLY A 366 4.02 0.39 27.01
CA GLY A 366 4.59 1.33 27.95
C GLY A 366 5.12 0.63 29.19
N ILE A 367 4.71 1.14 30.36
CA ILE A 367 5.19 0.67 31.66
C ILE A 367 3.97 0.50 32.55
N PRO A 368 3.42 -0.72 32.62
CA PRO A 368 2.12 -0.96 33.24
C PRO A 368 1.98 -0.55 34.71
N SER A 369 3.04 -0.67 35.51
CA SER A 369 2.96 -0.44 36.97
C SER A 369 2.75 1.05 37.30
N ILE A 370 2.95 1.94 36.31
CA ILE A 370 2.80 3.38 36.51
C ILE A 370 1.84 3.93 35.46
N ALA A 371 0.86 3.11 35.06
CA ALA A 371 -0.06 3.38 33.95
C ALA A 371 -1.51 3.14 34.41
N ASN A 372 -2.42 3.95 33.89
CA ASN A 372 -3.86 3.78 34.03
C ASN A 372 -4.29 2.44 33.41
N GLN A 373 -3.72 2.13 32.24
CA GLN A 373 -4.05 0.94 31.46
C GLN A 373 -2.95 -0.10 31.64
N THR A 374 -3.24 -1.16 32.42
CA THR A 374 -2.23 -2.14 32.80
C THR A 374 -2.19 -3.33 31.85
N ILE A 375 -3.19 -3.49 30.98
CA ILE A 375 -3.14 -4.54 29.95
C ILE A 375 -2.31 -4.03 28.77
N GLN A 376 -1.10 -4.57 28.63
CA GLN A 376 -0.09 -4.02 27.73
C GLN A 376 0.59 -5.13 26.93
N GLU A 377 0.95 -4.81 25.69
CA GLU A 377 1.78 -5.64 24.84
C GLU A 377 3.19 -5.04 24.85
N LEU A 378 4.17 -5.85 25.30
CA LEU A 378 5.55 -5.42 25.52
C LEU A 378 6.55 -6.28 24.72
N ASP A 379 6.12 -6.82 23.58
CA ASP A 379 7.02 -7.66 22.78
C ASP A 379 7.74 -6.82 21.71
N VAL A 380 7.30 -5.57 21.48
CA VAL A 380 7.83 -4.72 20.42
C VAL A 380 8.31 -3.38 21.02
N ILE A 381 9.55 -3.00 20.63
CA ILE A 381 10.24 -1.78 21.07
C ILE A 381 10.49 -0.89 19.85
N THR A 382 10.70 0.41 20.09
CA THR A 382 10.84 1.38 19.01
C THR A 382 11.85 2.46 19.39
N PRO A 383 12.72 2.90 18.44
CA PRO A 383 13.65 3.99 18.69
C PRO A 383 13.02 5.31 19.20
N TYR A 384 11.80 5.64 18.78
CA TYR A 384 11.21 6.95 19.13
C TYR A 384 10.84 7.01 20.62
N SER A 385 10.81 5.86 21.30
CA SER A 385 10.64 5.79 22.76
C SER A 385 11.65 6.67 23.49
N VAL A 386 12.79 6.97 22.85
CA VAL A 386 13.86 7.77 23.46
C VAL A 386 13.59 9.28 23.41
N PHE A 387 12.58 9.74 22.66
CA PHE A 387 12.48 11.19 22.41
C PHE A 387 12.38 11.96 23.73
N PRO A 388 11.62 11.54 24.76
CA PRO A 388 11.53 12.30 26.00
C PRO A 388 12.85 12.27 26.79
N THR A 389 13.60 11.16 26.66
CA THR A 389 14.90 11.01 27.28
C THR A 389 15.88 12.02 26.67
N VAL A 390 15.81 12.18 25.34
CA VAL A 390 16.70 13.05 24.58
C VAL A 390 16.61 14.49 25.12
N LEU A 391 15.40 14.93 25.50
CA LEU A 391 15.19 16.29 26.00
C LEU A 391 15.99 16.56 27.27
N PHE A 392 16.25 15.53 28.09
CA PHE A 392 17.00 15.66 29.34
C PHE A 392 18.49 15.29 29.17
N ASP A 393 18.80 14.31 28.32
CA ASP A 393 20.16 13.82 28.19
C ASP A 393 20.31 13.17 26.81
N LYS A 394 20.87 13.92 25.86
CA LYS A 394 20.91 13.47 24.48
C LYS A 394 21.87 12.28 24.32
N GLY A 395 22.90 12.17 25.18
CA GLY A 395 23.80 11.02 25.16
C GLY A 395 23.07 9.74 25.51
N VAL A 396 22.37 9.77 26.64
CA VAL A 396 21.64 8.61 27.12
C VAL A 396 20.55 8.26 26.09
N GLY A 397 19.79 9.28 25.66
CA GLY A 397 18.78 9.14 24.61
C GLY A 397 19.32 8.40 23.40
N MET A 398 20.45 8.87 22.90
CA MET A 398 21.07 8.34 21.68
C MET A 398 21.71 6.96 21.93
N ALA A 399 22.14 6.68 23.16
CA ALA A 399 22.63 5.34 23.50
C ALA A 399 21.49 4.32 23.34
N TRP A 400 20.31 4.67 23.85
CA TRP A 400 19.15 3.79 23.76
C TRP A 400 18.71 3.64 22.29
N TRP A 401 18.71 4.77 21.56
CA TRP A 401 18.41 4.81 20.14
C TRP A 401 19.35 3.85 19.37
N ARG A 402 20.66 3.98 19.63
CA ARG A 402 21.68 3.17 18.98
C ARG A 402 21.42 1.68 19.25
N ASN A 403 21.17 1.35 20.52
CA ASN A 403 20.96 -0.03 20.97
C ASN A 403 19.86 -0.70 20.13
N MET A 404 18.76 0.02 19.92
CA MET A 404 17.65 -0.48 19.10
C MET A 404 18.02 -0.46 17.61
N ALA A 405 18.68 0.61 17.15
CA ALA A 405 19.04 0.81 15.73
C ALA A 405 20.00 -0.27 15.23
N ILE A 406 20.81 -0.82 16.13
CA ILE A 406 21.78 -1.86 15.80
C ILE A 406 21.09 -3.22 15.59
N GLY A 407 19.86 -3.38 16.10
CA GLY A 407 19.06 -4.59 15.77
C GLY A 407 19.01 -4.81 14.27
N LYS A 408 18.91 -6.07 13.84
CA LYS A 408 18.85 -6.37 12.41
C LYS A 408 17.68 -5.61 11.78
N LYS A 409 17.97 -5.00 10.62
CA LYS A 409 17.01 -4.27 9.78
C LYS A 409 16.53 -2.96 10.43
N MET A 410 17.22 -2.46 11.46
CA MET A 410 16.68 -1.34 12.22
C MET A 410 17.27 0.00 11.76
N GLN A 411 18.15 -0.03 10.77
CA GLN A 411 18.46 1.15 9.96
C GLN A 411 18.17 0.85 8.49
N ASN A 412 17.85 1.92 7.76
CA ASN A 412 17.53 1.87 6.34
C ASN A 412 18.02 3.17 5.70
N ILE A 413 17.90 3.28 4.38
CA ILE A 413 18.38 4.45 3.61
C ILE A 413 17.52 5.69 3.87
N TYR A 414 16.48 5.57 4.72
CA TYR A 414 15.69 6.71 5.17
C TYR A 414 15.82 6.90 6.69
N GLY A 415 16.88 6.33 7.29
CA GLY A 415 17.16 6.45 8.72
C GLY A 415 16.70 5.24 9.51
N SER A 416 16.16 5.48 10.71
CA SER A 416 15.73 4.39 11.61
C SER A 416 14.47 3.71 11.06
N THR A 417 14.35 2.42 11.38
CA THR A 417 13.18 1.61 11.07
C THR A 417 12.15 1.75 12.20
N GLU A 418 10.88 1.53 11.88
CA GLU A 418 9.72 1.76 12.78
C GLU A 418 9.94 1.08 14.14
N SER A 419 10.15 -0.24 14.13
CA SER A 419 10.16 -1.03 15.36
C SER A 419 10.76 -2.41 15.12
N THR A 420 11.17 -3.05 16.22
CA THR A 420 11.63 -4.44 16.26
C THR A 420 11.00 -5.14 17.47
N ARG A 421 10.73 -6.43 17.32
CA ARG A 421 10.49 -7.27 18.48
C ARG A 421 11.72 -7.21 19.38
N ARG A 422 11.49 -7.20 20.70
CA ARG A 422 12.63 -7.18 21.62
C ARG A 422 13.42 -8.50 21.54
N ASP A 423 12.79 -9.58 21.05
CA ASP A 423 13.49 -10.87 20.90
C ASP A 423 14.16 -10.98 19.51
N GLY A 424 13.97 -9.96 18.67
CA GLY A 424 14.69 -9.84 17.40
C GLY A 424 14.23 -10.80 16.30
N THR A 425 13.04 -11.38 16.44
CA THR A 425 12.51 -12.36 15.46
C THR A 425 11.64 -11.68 14.40
N GLY A 426 11.40 -10.37 14.54
CA GLY A 426 10.57 -9.63 13.62
C GLY A 426 10.81 -8.13 13.69
N VAL A 427 10.49 -7.45 12.59
CA VAL A 427 10.68 -6.03 12.45
C VAL A 427 9.47 -5.46 11.69
N SER A 428 9.09 -4.21 12.03
CA SER A 428 8.12 -3.45 11.26
C SER A 428 8.87 -2.74 10.13
N ALA A 429 8.77 -3.27 8.91
CA ALA A 429 9.51 -2.74 7.76
C ALA A 429 8.74 -1.53 7.23
N LEU A 430 8.83 -0.43 7.98
CA LEU A 430 7.95 0.68 7.85
C LEU A 430 8.67 1.96 8.31
N LEU A 431 8.29 3.09 7.74
CA LEU A 431 8.70 4.42 8.19
C LEU A 431 7.44 5.23 8.51
N THR A 432 7.42 5.92 9.66
CA THR A 432 6.37 6.90 9.95
C THR A 432 6.99 8.15 10.59
N TRP A 433 6.29 9.28 10.46
CA TRP A 433 6.67 10.52 11.14
C TRP A 433 6.77 10.27 12.64
N ASP A 434 5.75 9.60 13.19
CA ASP A 434 5.62 9.35 14.63
C ASP A 434 6.86 8.61 15.16
N SER A 435 7.37 7.61 14.44
CA SER A 435 8.47 6.74 14.95
C SER A 435 9.86 7.31 14.63
N LYS A 436 9.93 8.44 13.91
CA LYS A 436 11.22 8.91 13.39
C LYS A 436 11.45 10.39 13.68
N VAL A 437 10.47 11.23 13.33
CA VAL A 437 10.64 12.68 13.33
C VAL A 437 10.22 13.27 14.68
N SER A 438 9.56 12.46 15.54
CA SER A 438 9.40 12.79 16.95
C SER A 438 10.80 12.95 17.60
N THR A 439 11.67 11.97 17.33
CA THR A 439 13.02 11.95 17.84
C THR A 439 13.81 13.14 17.28
N VAL A 440 13.67 13.37 15.97
CA VAL A 440 14.32 14.50 15.33
C VAL A 440 13.93 15.79 16.06
N ASN A 441 12.63 15.97 16.30
CA ASN A 441 12.12 17.20 16.93
C ASN A 441 12.65 17.33 18.36
N ALA A 442 12.85 16.21 19.05
CA ALA A 442 13.47 16.22 20.39
C ALA A 442 14.95 16.63 20.30
N ILE A 443 15.67 16.11 19.31
CA ILE A 443 17.08 16.47 19.08
C ILE A 443 17.21 17.99 18.85
N LEU A 444 16.22 18.60 18.19
CA LEU A 444 16.23 20.05 17.88
C LEU A 444 15.74 20.89 19.06
N GLY A 445 15.35 20.23 20.16
CA GLY A 445 15.00 20.88 21.42
C GLY A 445 13.53 21.24 21.52
N GLY A 446 12.67 20.63 20.69
CA GLY A 446 11.27 21.02 20.61
C GLY A 446 11.11 22.41 20.04
N VAL A 447 9.88 22.94 20.06
CA VAL A 447 9.60 24.31 19.60
C VAL A 447 9.13 25.19 20.77
N SER A 448 9.31 24.70 22.00
CA SER A 448 8.78 25.41 23.19
C SER A 448 9.42 26.79 23.36
N GLY A 449 10.68 26.94 22.93
CA GLY A 449 11.38 28.24 22.92
C GLY A 449 10.69 29.25 22.02
N LEU A 450 10.43 28.86 20.77
CA LEU A 450 9.69 29.69 19.82
C LEU A 450 8.30 30.03 20.37
N VAL A 451 7.62 29.04 20.93
CA VAL A 451 6.25 29.21 21.40
C VAL A 451 6.27 30.17 22.59
N SER A 452 7.24 29.98 23.50
CA SER A 452 7.41 30.83 24.67
C SER A 452 7.59 32.31 24.26
N GLN A 453 8.38 32.54 23.21
CA GLN A 453 8.64 33.92 22.74
C GLN A 453 7.31 34.60 22.35
N LYS A 454 6.49 33.88 21.57
CA LYS A 454 5.25 34.42 21.03
C LYS A 454 4.22 34.54 22.16
N MET A 455 4.20 33.56 23.07
CA MET A 455 3.30 33.61 24.25
C MET A 455 3.61 34.86 25.09
N LYS A 456 4.89 35.16 25.28
CA LYS A 456 5.32 36.34 26.04
C LYS A 456 4.87 37.61 25.31
N ALA A 457 5.06 37.65 24.00
CA ALA A 457 4.66 38.80 23.18
C ALA A 457 3.13 38.99 23.22
N GLU A 458 2.36 37.90 23.39
CA GLU A 458 0.88 37.98 23.39
C GLU A 458 0.35 37.95 24.83
N ASN A 459 1.27 38.03 25.81
CA ASN A 459 0.95 38.16 27.21
C ASN A 459 0.06 37.00 27.70
N ILE A 460 0.36 35.78 27.26
CA ILE A 460 -0.30 34.59 27.82
C ILE A 460 0.70 33.68 28.53
N TYR A 461 2.01 33.99 28.44
CA TYR A 461 3.06 33.17 29.08
C TYR A 461 2.85 33.11 30.60
N ASN A 462 2.59 34.27 31.23
CA ASN A 462 2.47 34.32 32.69
C ASN A 462 1.28 33.47 33.15
N THR A 463 0.18 33.51 32.40
CA THR A 463 -1.01 32.71 32.72
C THR A 463 -0.69 31.22 32.65
N PHE A 464 0.02 30.81 31.59
CA PHE A 464 0.45 29.42 31.42
C PHE A 464 1.21 28.95 32.67
N VAL A 465 2.25 29.71 33.04
CA VAL A 465 3.14 29.34 34.14
C VAL A 465 2.34 29.22 35.44
N GLU A 466 1.55 30.25 35.74
CA GLU A 466 0.75 30.29 36.98
C GLU A 466 -0.15 29.07 37.10
N ARG A 467 -0.93 28.82 36.03
CA ARG A 467 -1.89 27.74 36.02
C ARG A 467 -1.18 26.39 36.14
N ILE A 468 -0.16 26.17 35.31
CA ILE A 468 0.37 24.80 35.16
C ILE A 468 1.27 24.49 36.36
N GLU A 469 1.95 25.51 36.91
CA GLU A 469 2.73 25.31 38.13
C GLU A 469 1.78 25.00 39.30
N ALA A 470 0.64 25.70 39.36
CA ALA A 470 -0.35 25.45 40.40
C ALA A 470 -0.82 23.99 40.34
N GLU A 471 -1.19 23.52 39.12
CA GLU A 471 -1.79 22.21 38.99
C GLU A 471 -0.77 21.14 39.39
N TYR A 472 0.46 21.27 38.89
CA TYR A 472 1.49 20.25 39.12
C TYR A 472 1.99 20.30 40.57
N SER A 473 2.16 21.51 41.14
CA SER A 473 2.71 21.62 42.50
C SER A 473 1.69 21.12 43.53
N ARG A 474 0.40 21.09 43.19
CA ARG A 474 -0.64 20.59 44.10
C ARG A 474 -0.62 19.06 44.20
N VAL A 475 -0.18 18.38 43.14
CA VAL A 475 -0.23 16.92 43.05
C VAL A 475 1.13 16.29 43.41
N PHE A 476 2.23 16.95 42.99
CA PHE A 476 3.57 16.38 43.09
C PHE A 476 4.36 17.03 44.23
N LYS A 477 4.29 16.38 45.40
CA LYS A 477 4.99 16.78 46.63
C LYS A 477 5.91 15.65 47.06
N ASN A 478 7.00 15.99 47.75
CA ASN A 478 7.90 14.99 48.36
C ASN A 478 8.29 13.93 47.32
N LEU A 479 8.79 14.38 46.17
CA LEU A 479 9.26 13.48 45.10
C LEU A 479 10.27 12.50 45.71
N LYS A 480 10.18 11.23 45.30
CA LYS A 480 11.21 10.25 45.57
C LYS A 480 11.96 9.94 44.27
N GLY A 481 13.23 9.51 44.43
CA GLY A 481 13.97 8.87 43.39
C GLY A 481 14.74 9.86 42.53
N GLU A 482 14.85 11.11 42.97
CA GLU A 482 15.53 12.13 42.16
C GLU A 482 17.06 11.89 42.13
N HIS A 483 17.55 10.99 43.00
CA HIS A 483 18.95 10.61 43.06
C HIS A 483 19.23 9.38 42.17
N VAL A 484 18.20 8.78 41.56
CA VAL A 484 18.41 7.62 40.70
C VAL A 484 18.93 8.11 39.35
N PRO A 485 20.20 7.81 38.97
CA PRO A 485 20.70 8.19 37.66
C PRO A 485 19.95 7.49 36.52
N PHE A 486 19.93 8.13 35.35
CA PHE A 486 19.44 7.47 34.14
C PHE A 486 20.27 6.20 33.90
N CYS A 487 19.60 5.16 33.40
CA CYS A 487 20.25 3.88 33.12
C CYS A 487 20.61 3.82 31.63
N LEU A 488 21.69 3.09 31.33
CA LEU A 488 22.14 2.83 29.99
C LEU A 488 21.71 1.40 29.60
N PRO A 489 21.55 1.10 28.30
CA PRO A 489 21.19 -0.25 27.86
C PRO A 489 22.17 -1.32 28.37
N GLN A 490 21.63 -2.46 28.82
CA GLN A 490 22.44 -3.56 29.37
C GLN A 490 22.26 -4.85 28.56
N GLU A 491 21.33 -4.86 27.61
CA GLU A 491 21.06 -6.00 26.75
C GLU A 491 21.02 -5.50 25.29
N THR A 492 21.42 -6.35 24.36
CA THR A 492 21.30 -6.08 22.93
C THR A 492 20.04 -6.76 22.38
N VAL A 493 19.56 -6.26 21.24
CA VAL A 493 18.53 -6.94 20.49
C VAL A 493 19.14 -8.24 19.97
N PRO A 494 18.58 -9.43 20.30
CA PRO A 494 19.11 -10.69 19.78
C PRO A 494 19.15 -10.73 18.24
N ASP A 495 20.20 -11.33 17.69
N ASP A 495 20.19 -11.36 17.69
CA ASP A 495 20.26 -11.69 16.26
CA ASP A 495 20.27 -11.68 16.27
C ASP A 495 19.79 -13.14 16.10
C ASP A 495 19.80 -13.13 16.10
N THR A 496 18.67 -13.32 15.42
CA THR A 496 18.03 -14.62 15.28
C THR A 496 18.03 -15.09 13.82
N GLY A 497 18.76 -14.41 12.95
CA GLY A 497 18.79 -14.78 11.55
C GLY A 497 18.13 -13.79 10.61
N LEU A 498 17.51 -12.73 11.14
CA LEU A 498 17.09 -11.62 10.29
C LEU A 498 18.32 -11.03 9.61
N VAL A 499 18.16 -10.56 8.37
CA VAL A 499 19.25 -10.03 7.55
C VAL A 499 18.98 -8.54 7.30
N ASP A 500 20.01 -7.71 7.49
CA ASP A 500 19.90 -6.28 7.22
C ASP A 500 19.41 -6.07 5.78
N PHE A 501 18.72 -4.95 5.58
CA PHE A 501 18.31 -4.52 4.25
C PHE A 501 19.53 -4.44 3.33
N THR A 502 19.37 -4.84 2.06
CA THR A 502 20.52 -4.96 1.16
C THR A 502 21.05 -3.58 0.75
N THR A 503 20.24 -2.51 0.91
CA THR A 503 20.71 -1.14 0.61
C THR A 503 21.32 -0.45 1.84
N CYS A 504 21.31 -1.11 3.02
CA CYS A 504 21.78 -0.51 4.27
C CYS A 504 22.35 -1.58 5.21
N ASN A 505 23.62 -1.96 5.01
CA ASN A 505 24.26 -3.05 5.75
C ASN A 505 25.76 -2.80 5.94
N GLU B 12 -15.23 12.42 -26.14
CA GLU B 12 -14.79 11.21 -25.39
C GLU B 12 -15.91 10.75 -24.45
N PRO B 13 -16.06 9.43 -24.19
CA PRO B 13 -17.17 8.94 -23.38
C PRO B 13 -17.10 9.38 -21.91
N SER B 14 -18.26 9.49 -21.25
CA SER B 14 -18.33 9.71 -19.80
C SER B 14 -17.66 8.52 -19.09
N CYS B 15 -17.10 8.80 -17.92
CA CYS B 15 -16.53 7.77 -17.08
C CYS B 15 -17.57 6.69 -16.78
N ARG B 16 -18.81 7.11 -16.48
CA ARG B 16 -19.87 6.22 -16.03
C ARG B 16 -20.76 5.84 -17.22
N PHE B 17 -20.14 5.43 -18.33
CA PHE B 17 -20.86 5.18 -19.59
C PHE B 17 -21.72 3.92 -19.52
N ALA B 18 -21.40 2.98 -18.62
CA ALA B 18 -22.08 1.68 -18.60
C ALA B 18 -23.60 1.84 -18.50
N HIS B 19 -24.08 2.75 -17.64
CA HIS B 19 -25.53 2.91 -17.46
C HIS B 19 -26.12 3.96 -18.41
N GLN B 20 -25.31 4.54 -19.30
CA GLN B 20 -25.79 5.41 -20.39
C GLN B 20 -26.36 4.57 -21.55
N TYR B 21 -26.00 3.28 -21.60
CA TYR B 21 -26.51 2.31 -22.57
C TYR B 21 -27.56 1.42 -21.88
N THR B 22 -28.55 0.99 -22.66
CA THR B 22 -29.41 -0.14 -22.31
C THR B 22 -28.71 -1.44 -22.73
N GLN B 23 -29.15 -2.56 -22.15
CA GLN B 23 -28.63 -3.87 -22.50
C GLN B 23 -28.83 -4.12 -24.00
N GLU B 24 -30.03 -3.85 -24.51
CA GLU B 24 -30.35 -4.11 -25.92
C GLU B 24 -29.46 -3.24 -26.82
N GLN B 25 -29.11 -2.03 -26.37
CA GLN B 25 -28.26 -1.15 -27.18
C GLN B 25 -26.84 -1.74 -27.30
N VAL B 26 -26.37 -2.40 -26.25
CA VAL B 26 -25.07 -3.08 -26.30
C VAL B 26 -25.13 -4.16 -27.41
N LEU B 27 -26.20 -4.95 -27.42
CA LEU B 27 -26.38 -6.04 -28.40
C LEU B 27 -26.56 -5.49 -29.83
N GLN B 28 -27.20 -4.32 -29.98
CA GLN B 28 -27.44 -3.71 -31.30
C GLN B 28 -26.14 -3.18 -31.90
N ASN B 29 -25.21 -2.71 -31.05
CA ASN B 29 -23.96 -2.13 -31.53
C ASN B 29 -22.84 -2.39 -30.53
N PRO B 30 -22.33 -3.64 -30.44
CA PRO B 30 -21.25 -3.94 -29.50
C PRO B 30 -20.02 -3.07 -29.71
N SER B 31 -19.70 -2.74 -30.97
CA SER B 31 -18.50 -1.97 -31.31
C SER B 31 -18.51 -0.59 -30.63
N LYS B 32 -19.67 0.07 -30.64
CA LYS B 32 -19.77 1.39 -30.08
C LYS B 32 -19.48 1.31 -28.58
N PHE B 33 -20.09 0.34 -27.91
CA PHE B 33 -19.91 0.14 -26.48
C PHE B 33 -18.45 -0.19 -26.18
N ILE B 34 -17.86 -1.08 -26.99
CA ILE B 34 -16.50 -1.54 -26.78
C ILE B 34 -15.52 -0.37 -26.93
N ASN B 35 -15.85 0.57 -27.84
CA ASN B 35 -15.04 1.77 -28.03
C ASN B 35 -14.95 2.58 -26.74
N ASP B 36 -16.06 2.64 -25.99
CA ASP B 36 -16.08 3.33 -24.71
C ASP B 36 -15.26 2.54 -23.68
N VAL B 37 -15.46 1.20 -23.67
CA VAL B 37 -14.76 0.30 -22.75
C VAL B 37 -13.24 0.49 -22.89
N LEU B 38 -12.74 0.43 -24.12
CA LEU B 38 -11.30 0.45 -24.37
C LEU B 38 -10.69 1.78 -23.92
N PHE B 39 -11.42 2.88 -24.12
CA PHE B 39 -10.94 4.23 -23.76
C PHE B 39 -10.65 4.27 -22.26
N TRP B 40 -11.61 3.83 -21.45
CA TRP B 40 -11.47 3.92 -20.00
C TRP B 40 -10.54 2.82 -19.47
N GLU B 41 -10.55 1.63 -20.06
CA GLU B 41 -9.61 0.57 -19.69
C GLU B 41 -8.18 1.07 -19.87
N GLY B 42 -7.92 1.80 -20.95
CA GLY B 42 -6.62 2.38 -21.27
C GLY B 42 -6.08 3.31 -20.20
N LYS B 43 -6.97 3.93 -19.40
CA LYS B 43 -6.54 4.82 -18.33
C LYS B 43 -5.84 4.04 -17.22
N PHE B 44 -6.06 2.72 -17.16
CA PHE B 44 -5.32 1.83 -16.26
C PHE B 44 -3.82 1.89 -16.59
N HIS B 45 -3.50 2.10 -17.87
CA HIS B 45 -2.12 2.07 -18.37
C HIS B 45 -1.42 3.39 -18.07
N GLN B 46 -0.97 3.52 -16.82
CA GLN B 46 -0.25 4.70 -16.34
C GLN B 46 0.79 4.25 -15.32
N ASN B 47 1.88 5.03 -15.23
CA ASN B 47 2.89 4.88 -14.21
C ASN B 47 2.23 4.93 -12.82
N ASN B 48 2.70 4.04 -11.93
CA ASN B 48 2.26 3.94 -10.52
C ASN B 48 0.81 3.42 -10.40
N ILE B 49 0.16 3.12 -11.53
CA ILE B 49 -1.18 2.54 -11.51
C ILE B 49 -1.09 1.06 -11.90
N SER B 50 -0.55 0.77 -13.09
CA SER B 50 -0.47 -0.60 -13.63
C SER B 50 0.97 -1.01 -13.94
N TYR B 51 1.90 -0.05 -14.10
CA TYR B 51 3.28 -0.40 -14.38
C TYR B 51 4.23 0.71 -13.89
N ASN B 52 5.51 0.34 -13.85
CA ASN B 52 6.61 1.24 -13.53
C ASN B 52 7.24 1.68 -14.85
N SER B 53 7.06 2.95 -15.23
CA SER B 53 7.56 3.46 -16.51
C SER B 53 9.10 3.53 -16.51
N GLY B 54 9.71 3.54 -15.33
CA GLY B 54 11.17 3.56 -15.21
C GLY B 54 11.82 2.27 -15.70
N ASN B 55 11.22 1.12 -15.39
CA ASN B 55 11.82 -0.18 -15.74
C ASN B 55 10.91 -0.98 -16.70
N GLY B 56 9.74 -0.44 -17.05
CA GLY B 56 8.82 -1.03 -18.00
C GLY B 56 8.11 -2.27 -17.47
N MET B 57 8.13 -2.45 -16.14
CA MET B 57 7.59 -3.67 -15.52
C MET B 57 6.17 -3.40 -15.00
N SER B 58 5.31 -4.42 -15.12
CA SER B 58 3.95 -4.38 -14.57
C SER B 58 4.01 -4.34 -13.04
N TYR B 59 3.01 -3.68 -12.45
CA TYR B 59 2.55 -3.93 -11.09
C TYR B 59 1.28 -4.78 -11.19
N ASP B 60 1.01 -5.62 -10.18
CA ASP B 60 -0.24 -6.38 -10.13
C ASP B 60 -1.43 -5.44 -10.36
N GLY B 61 -1.35 -4.26 -9.75
CA GLY B 61 -2.36 -3.22 -9.87
C GLY B 61 -2.26 -2.22 -8.73
N THR B 62 -3.41 -1.64 -8.35
CA THR B 62 -3.44 -0.64 -7.29
C THR B 62 -4.82 -0.58 -6.66
N ASN B 63 -4.84 -0.27 -5.36
CA ASN B 63 -6.04 0.12 -4.64
C ASN B 63 -6.46 1.51 -5.14
N ILE B 64 -7.77 1.77 -5.08
CA ILE B 64 -8.30 3.10 -5.31
C ILE B 64 -9.15 3.49 -4.09
N ASP B 65 -9.22 4.81 -3.84
CA ASP B 65 -9.84 5.34 -2.64
C ASP B 65 -11.33 4.98 -2.65
N TRP B 66 -11.80 4.50 -1.50
CA TRP B 66 -13.16 4.04 -1.34
C TRP B 66 -14.18 5.11 -1.80
N VAL B 67 -13.92 6.39 -1.47
CA VAL B 67 -14.83 7.48 -1.80
C VAL B 67 -14.51 8.07 -3.17
N THR B 68 -13.24 8.40 -3.44
CA THR B 68 -12.91 9.20 -4.63
C THR B 68 -12.74 8.32 -5.88
N GLY B 69 -12.33 7.06 -5.69
CA GLY B 69 -12.00 6.16 -6.80
C GLY B 69 -10.68 6.50 -7.48
N GLU B 70 -9.84 7.28 -6.80
CA GLU B 70 -8.49 7.66 -7.29
C GLU B 70 -7.44 6.68 -6.76
N GLY B 71 -6.40 6.43 -7.56
CA GLY B 71 -5.27 5.61 -7.16
C GLY B 71 -4.71 6.05 -5.82
N THR B 72 -4.51 5.08 -4.91
CA THR B 72 -3.96 5.33 -3.58
C THR B 72 -2.68 4.52 -3.36
N VAL B 73 -2.85 3.20 -3.19
CA VAL B 73 -1.84 2.25 -2.71
C VAL B 73 -1.62 1.20 -3.80
N LYS B 74 -0.50 1.27 -4.52
CA LYS B 74 -0.17 0.27 -5.54
C LYS B 74 0.19 -1.07 -4.87
N HIS B 75 0.00 -2.16 -5.62
CA HIS B 75 0.68 -3.42 -5.34
C HIS B 75 2.07 -3.33 -5.98
N PRO B 76 3.17 -3.38 -5.18
CA PRO B 76 4.53 -3.21 -5.73
C PRO B 76 5.13 -4.49 -6.33
N PHE B 77 4.32 -5.55 -6.41
CA PHE B 77 4.73 -6.84 -6.90
C PHE B 77 3.93 -7.19 -8.16
N SER B 78 4.45 -8.13 -8.95
CA SER B 78 3.75 -8.68 -10.10
C SER B 78 4.33 -10.07 -10.42
N ALA B 79 3.99 -10.59 -11.60
CA ALA B 79 4.41 -11.91 -12.01
C ALA B 79 4.30 -12.00 -13.53
N ALA B 80 4.85 -13.10 -14.09
CA ALA B 80 4.94 -13.30 -15.54
C ALA B 80 3.55 -13.39 -16.16
N SER B 81 2.54 -13.76 -15.35
CA SER B 81 1.15 -13.86 -15.75
C SER B 81 0.58 -12.47 -16.12
N LYS B 82 0.89 -11.45 -15.32
CA LYS B 82 0.45 -10.06 -15.60
C LYS B 82 1.28 -9.50 -16.76
N GLU B 83 2.59 -9.82 -16.77
CA GLU B 83 3.47 -9.49 -17.89
C GLU B 83 2.84 -9.97 -19.21
N SER B 84 2.26 -11.17 -19.21
CA SER B 84 1.68 -11.79 -20.42
C SER B 84 0.53 -10.92 -20.95
N LEU B 85 -0.27 -10.33 -20.04
CA LEU B 85 -1.43 -9.50 -20.46
C LEU B 85 -0.94 -8.18 -21.07
N GLN B 86 0.10 -7.60 -20.48
CA GLN B 86 0.70 -6.36 -20.95
C GLN B 86 1.35 -6.59 -22.33
N VAL B 87 2.10 -7.69 -22.44
CA VAL B 87 2.84 -7.99 -23.67
C VAL B 87 1.85 -8.29 -24.81
N MET B 88 0.79 -9.04 -24.53
CA MET B 88 -0.24 -9.35 -25.53
C MET B 88 -0.88 -8.05 -26.05
N LEU B 89 -1.18 -7.12 -25.14
CA LEU B 89 -1.72 -5.82 -25.54
C LEU B 89 -0.71 -5.11 -26.47
N TYR B 90 0.57 -5.11 -26.09
CA TYR B 90 1.63 -4.45 -26.85
C TYR B 90 1.81 -5.11 -28.23
N ALA B 91 1.56 -6.42 -28.33
CA ALA B 91 1.65 -7.13 -29.61
C ALA B 91 0.62 -6.54 -30.59
N HIS B 92 -0.61 -6.33 -30.13
CA HIS B 92 -1.67 -5.73 -30.96
C HIS B 92 -1.33 -4.28 -31.28
N ALA B 93 -0.85 -3.52 -30.28
CA ALA B 93 -0.53 -2.12 -30.43
C ALA B 93 0.52 -1.92 -31.51
N ILE B 94 1.62 -2.70 -31.45
CA ILE B 94 2.74 -2.50 -32.37
C ILE B 94 2.34 -2.94 -33.78
N ALA B 95 1.36 -3.83 -33.91
CA ALA B 95 0.87 -4.31 -35.21
C ALA B 95 -0.08 -3.29 -35.86
N GLY B 96 -0.44 -2.22 -35.12
CA GLY B 96 -1.25 -1.13 -35.67
C GLY B 96 -2.73 -1.30 -35.40
N SER B 97 -3.10 -2.18 -34.46
CA SER B 97 -4.51 -2.38 -34.09
C SER B 97 -5.12 -1.07 -33.61
N ALA B 98 -6.28 -0.72 -34.17
CA ALA B 98 -6.98 0.52 -33.86
C ALA B 98 -7.56 0.43 -32.44
N ASP B 99 -8.06 -0.76 -32.09
CA ASP B 99 -8.62 -1.03 -30.76
C ASP B 99 -7.53 -0.90 -29.69
N ALA B 100 -6.35 -1.49 -29.94
CA ALA B 100 -5.23 -1.39 -29.00
C ALA B 100 -4.78 0.07 -28.86
N ALA B 101 -4.89 0.86 -29.94
CA ALA B 101 -4.54 2.28 -29.96
C ALA B 101 -5.53 3.12 -29.14
N ARG B 102 -6.81 2.75 -29.21
CA ARG B 102 -7.83 3.42 -28.38
C ARG B 102 -7.50 3.25 -26.90
N PHE B 103 -6.96 2.07 -26.55
CA PHE B 103 -6.48 1.75 -25.20
C PHE B 103 -5.19 2.53 -24.88
N LEU B 104 -4.16 2.40 -25.73
CA LEU B 104 -2.82 2.93 -25.43
C LEU B 104 -2.73 4.45 -25.65
N SER B 105 -3.40 4.96 -26.69
CA SER B 105 -3.08 6.29 -27.24
C SER B 105 -4.28 6.87 -27.98
N PRO B 106 -5.43 7.06 -27.27
CA PRO B 106 -6.68 7.41 -27.94
C PRO B 106 -6.66 8.76 -28.67
N ASN B 107 -5.89 9.72 -28.15
CA ASN B 107 -5.84 11.08 -28.70
C ASN B 107 -4.85 11.14 -29.87
N ASN B 108 -3.97 10.14 -29.96
CA ASN B 108 -3.00 10.03 -31.05
C ASN B 108 -2.74 8.55 -31.36
N PRO B 109 -3.64 7.88 -32.12
CA PRO B 109 -3.52 6.45 -32.37
C PRO B 109 -2.20 6.03 -33.06
N SER B 110 -1.67 6.91 -33.91
CA SER B 110 -0.44 6.61 -34.66
C SER B 110 0.75 6.41 -33.71
N ALA B 111 0.70 6.98 -32.50
CA ALA B 111 1.80 6.85 -31.51
C ALA B 111 1.80 5.49 -30.81
N ALA B 112 0.70 4.72 -30.91
CA ALA B 112 0.53 3.47 -30.10
C ALA B 112 1.68 2.49 -30.35
N PRO B 113 2.07 2.19 -31.61
CA PRO B 113 3.19 1.28 -31.88
C PRO B 113 4.50 1.72 -31.21
N GLY B 114 4.83 3.01 -31.30
CA GLY B 114 6.03 3.58 -30.69
C GLY B 114 6.02 3.45 -29.18
N ILE B 115 4.85 3.64 -28.56
CA ILE B 115 4.70 3.51 -27.11
C ILE B 115 4.96 2.05 -26.71
N ALA B 116 4.34 1.10 -27.40
CA ALA B 116 4.54 -0.33 -27.11
C ALA B 116 6.02 -0.70 -27.28
N ALA B 117 6.64 -0.23 -28.38
CA ALA B 117 8.06 -0.54 -28.68
C ALA B 117 8.95 -0.01 -27.57
N SER B 118 8.71 1.23 -27.15
CA SER B 118 9.52 1.90 -26.14
C SER B 118 9.47 1.15 -24.80
N ILE B 119 8.25 0.78 -24.35
CA ILE B 119 8.10 0.13 -23.05
C ILE B 119 8.72 -1.28 -23.11
N MET B 120 8.53 -1.98 -24.23
CA MET B 120 9.07 -3.34 -24.37
C MET B 120 10.60 -3.33 -24.42
N ASP B 121 11.19 -2.24 -24.91
CA ASP B 121 12.64 -2.06 -24.92
C ASP B 121 13.13 -1.90 -23.47
N THR B 122 12.51 -0.97 -22.75
CA THR B 122 12.82 -0.74 -21.34
C THR B 122 12.64 -2.03 -20.55
N LYS B 123 11.52 -2.73 -20.80
CA LYS B 123 11.17 -3.96 -20.09
C LYS B 123 12.27 -5.01 -20.27
N LEU B 124 12.71 -5.23 -21.52
CA LEU B 124 13.72 -6.24 -21.84
C LEU B 124 15.00 -5.97 -21.05
N GLN B 125 15.43 -4.69 -21.02
CA GLN B 125 16.62 -4.29 -20.27
C GLN B 125 16.49 -4.79 -18.82
N THR B 126 15.31 -4.59 -18.21
CA THR B 126 15.05 -4.97 -16.83
C THR B 126 15.11 -6.51 -16.67
N TYR B 127 14.49 -7.24 -17.60
CA TYR B 127 14.53 -8.70 -17.63
C TYR B 127 15.98 -9.19 -17.61
N LEU B 128 16.84 -8.54 -18.41
CA LEU B 128 18.23 -8.96 -18.59
C LEU B 128 19.07 -8.67 -17.34
N ARG B 129 18.83 -7.52 -16.68
CA ARG B 129 19.48 -7.18 -15.40
C ARG B 129 19.08 -8.21 -14.33
N PHE B 130 17.82 -8.64 -14.34
CA PHE B 130 17.33 -9.64 -13.41
C PHE B 130 18.04 -10.99 -13.63
N ASN B 131 18.17 -11.39 -14.90
CA ASN B 131 18.81 -12.64 -15.25
C ASN B 131 20.27 -12.65 -14.78
N GLU B 132 20.95 -11.50 -14.96
CA GLU B 132 22.35 -11.31 -14.58
C GLU B 132 22.53 -11.48 -13.07
N THR B 133 21.64 -10.87 -12.27
CA THR B 133 21.72 -10.87 -10.82
C THR B 133 21.23 -12.21 -10.27
N TYR B 134 20.21 -12.80 -10.91
CA TYR B 134 19.57 -14.05 -10.43
C TYR B 134 19.59 -15.10 -11.55
N PRO B 135 20.78 -15.56 -11.98
CA PRO B 135 20.89 -16.49 -13.11
C PRO B 135 20.25 -17.87 -12.84
N GLY B 136 20.05 -18.22 -11.57
CA GLY B 136 19.45 -19.50 -11.16
C GLY B 136 18.02 -19.69 -11.68
N PHE B 137 17.33 -18.60 -12.03
CA PHE B 137 15.96 -18.67 -12.56
C PHE B 137 15.96 -19.13 -14.02
N GLY B 138 17.15 -19.19 -14.65
CA GLY B 138 17.30 -19.70 -16.02
C GLY B 138 16.52 -18.91 -17.05
N GLY B 139 16.29 -17.62 -16.80
CA GLY B 139 15.63 -16.72 -17.76
C GLY B 139 14.13 -16.58 -17.52
N PHE B 140 13.60 -17.32 -16.54
CA PHE B 140 12.22 -17.27 -16.11
C PHE B 140 12.06 -16.23 -15.00
N LEU B 141 10.80 -15.87 -14.70
CA LEU B 141 10.50 -14.88 -13.68
C LEU B 141 9.70 -15.51 -12.55
N PRO B 142 10.09 -15.26 -11.29
CA PRO B 142 9.25 -15.60 -10.14
C PRO B 142 8.23 -14.46 -9.98
N TRP B 143 7.42 -14.49 -8.93
CA TRP B 143 6.75 -13.28 -8.46
C TRP B 143 7.85 -12.32 -8.00
N PHE B 144 7.75 -11.05 -8.41
CA PHE B 144 8.82 -10.08 -8.27
C PHE B 144 8.26 -8.76 -7.75
N THR B 145 9.16 -7.98 -7.14
CA THR B 145 8.92 -6.61 -6.71
C THR B 145 9.44 -5.70 -7.82
N SER B 146 8.57 -4.82 -8.34
CA SER B 146 8.88 -4.00 -9.52
C SER B 146 8.91 -2.51 -9.18
N SER B 147 8.83 -2.16 -7.88
CA SER B 147 8.73 -0.77 -7.43
C SER B 147 10.08 -0.03 -7.48
N SER B 148 11.20 -0.75 -7.48
CA SER B 148 12.51 -0.11 -7.74
C SER B 148 13.00 -0.51 -9.14
N GLN B 149 14.09 0.12 -9.57
CA GLN B 149 14.54 0.04 -10.96
C GLN B 149 14.91 -1.42 -11.30
N ASP B 150 15.59 -2.11 -10.38
CA ASP B 150 15.95 -3.50 -10.57
C ASP B 150 14.94 -4.39 -9.86
N LEU B 151 14.53 -5.48 -10.55
CA LEU B 151 13.66 -6.50 -10.00
C LEU B 151 14.39 -7.27 -8.90
N THR B 152 13.62 -7.62 -7.86
CA THR B 152 13.96 -8.64 -6.89
C THR B 152 12.79 -9.61 -6.80
N PRO B 153 13.02 -10.89 -6.45
CA PRO B 153 11.92 -11.78 -6.11
C PRO B 153 11.17 -11.19 -4.91
N THR B 154 9.85 -11.40 -4.82
CA THR B 154 9.17 -11.15 -3.56
C THR B 154 9.76 -12.13 -2.54
N TRP B 155 9.63 -11.81 -1.26
CA TRP B 155 10.21 -12.61 -0.19
C TRP B 155 9.85 -14.08 -0.36
N ASP B 156 8.55 -14.35 -0.50
CA ASP B 156 8.02 -15.71 -0.59
C ASP B 156 8.56 -16.45 -1.82
N TRP B 157 9.06 -15.73 -2.84
CA TRP B 157 9.39 -16.36 -4.11
C TRP B 157 10.91 -16.35 -4.37
N ASN B 158 11.72 -16.02 -3.36
CA ASN B 158 13.14 -16.34 -3.42
C ASN B 158 13.28 -17.82 -3.68
N ASN B 159 14.09 -18.19 -4.67
CA ASN B 159 14.45 -19.59 -4.94
C ASN B 159 13.22 -20.44 -5.31
N ARG B 160 12.19 -19.82 -5.87
CA ARG B 160 10.97 -20.52 -6.28
C ARG B 160 10.49 -19.90 -7.59
N VAL B 161 10.09 -20.75 -8.57
CA VAL B 161 9.65 -20.24 -9.87
C VAL B 161 8.45 -21.07 -10.35
N PRO B 162 7.36 -20.40 -10.79
CA PRO B 162 6.15 -21.07 -11.25
C PRO B 162 6.14 -21.25 -12.78
N GLY B 163 5.85 -22.48 -13.22
CA GLY B 163 5.79 -22.82 -14.64
C GLY B 163 4.63 -22.12 -15.33
N LEU B 164 3.47 -22.07 -14.65
CA LEU B 164 2.23 -21.61 -15.26
C LEU B 164 2.39 -20.16 -15.76
N ASP B 165 2.81 -19.26 -14.87
CA ASP B 165 2.87 -17.85 -15.19
C ASP B 165 3.85 -17.64 -16.35
N ASN B 166 4.94 -18.40 -16.36
CA ASN B 166 5.98 -18.26 -17.37
C ASN B 166 5.48 -18.78 -18.71
N GLY B 167 4.69 -19.86 -18.69
CA GLY B 167 4.08 -20.38 -19.93
C GLY B 167 3.27 -19.30 -20.63
N GLU B 168 2.50 -18.53 -19.83
CA GLU B 168 1.68 -17.44 -20.34
C GLU B 168 2.57 -16.37 -20.97
N LEU B 169 3.64 -15.97 -20.28
CA LEU B 169 4.51 -14.91 -20.76
C LEU B 169 5.20 -15.31 -22.07
N LEU B 170 5.66 -16.56 -22.15
CA LEU B 170 6.49 -16.99 -23.27
C LEU B 170 5.72 -16.92 -24.60
N TRP B 171 4.47 -17.38 -24.62
CA TRP B 171 3.66 -17.32 -25.86
C TRP B 171 3.24 -15.88 -26.16
N ALA B 172 3.13 -15.03 -25.12
CA ALA B 172 2.82 -13.62 -25.35
C ALA B 172 4.00 -12.95 -26.07
N VAL B 173 5.22 -13.25 -25.61
CA VAL B 173 6.46 -12.71 -26.21
C VAL B 173 6.60 -13.24 -27.64
N TYR B 174 6.27 -14.52 -27.84
CA TYR B 174 6.25 -15.19 -29.15
C TYR B 174 5.37 -14.38 -30.12
N ALA B 175 4.16 -14.02 -29.66
CA ALA B 175 3.22 -13.18 -30.44
C ALA B 175 3.82 -11.81 -30.74
N PHE B 176 4.37 -11.16 -29.71
CA PHE B 176 4.88 -9.82 -29.83
C PHE B 176 5.98 -9.77 -30.90
N ILE B 177 6.87 -10.77 -30.87
CA ILE B 177 7.97 -10.87 -31.82
C ILE B 177 7.40 -10.89 -33.24
N GLN B 178 6.39 -11.74 -33.47
CA GLN B 178 5.75 -11.85 -34.76
C GLN B 178 5.11 -10.52 -35.16
N ALA B 179 4.39 -9.89 -34.22
CA ALA B 179 3.71 -8.63 -34.49
C ALA B 179 4.73 -7.56 -34.93
N ALA B 180 5.84 -7.46 -34.19
CA ALA B 180 6.88 -6.47 -34.46
C ALA B 180 7.48 -6.70 -35.85
N GLU B 181 7.77 -7.97 -36.18
CA GLU B 181 8.38 -8.32 -37.47
C GLU B 181 7.39 -8.08 -38.61
N ASN B 182 6.10 -8.25 -38.36
CA ASN B 182 5.05 -8.04 -39.37
C ASN B 182 4.97 -6.58 -39.81
N THR B 183 5.52 -5.63 -39.04
CA THR B 183 5.48 -4.21 -39.40
C THR B 183 6.48 -3.85 -40.50
N SER B 184 7.53 -4.66 -40.68
CA SER B 184 8.67 -4.36 -41.58
C SER B 184 9.46 -3.12 -41.13
N ASN B 185 9.15 -2.58 -39.94
CA ASN B 185 9.86 -1.42 -39.38
C ASN B 185 11.18 -1.93 -38.79
N LYS B 186 12.30 -1.34 -39.19
CA LYS B 186 13.63 -1.90 -38.91
C LYS B 186 13.91 -1.87 -37.40
N SER B 187 13.54 -0.78 -36.72
CA SER B 187 13.81 -0.68 -35.27
C SER B 187 12.89 -1.64 -34.49
N PHE B 188 11.65 -1.86 -34.98
CA PHE B 188 10.73 -2.83 -34.36
C PHE B 188 11.29 -4.25 -34.54
N ILE B 189 11.87 -4.52 -35.72
CA ILE B 189 12.47 -5.84 -36.01
C ILE B 189 13.66 -6.08 -35.09
N ASP B 190 14.52 -5.08 -34.92
CA ASP B 190 15.68 -5.15 -34.01
C ASP B 190 15.24 -5.45 -32.58
N LEU B 191 14.22 -4.73 -32.11
CA LEU B 191 13.63 -4.97 -30.79
C LEU B 191 13.15 -6.43 -30.69
N ALA B 192 12.48 -6.90 -31.74
CA ALA B 192 11.92 -8.26 -31.81
C ALA B 192 13.03 -9.31 -31.65
N LYS B 193 14.17 -9.08 -32.32
CA LYS B 193 15.29 -10.04 -32.34
C LYS B 193 15.94 -10.12 -30.95
N LYS B 194 15.96 -8.99 -30.21
CA LYS B 194 16.48 -8.98 -28.84
C LYS B 194 15.54 -9.80 -27.93
N TRP B 195 14.23 -9.65 -28.14
CA TRP B 195 13.24 -10.45 -27.41
C TRP B 195 13.34 -11.92 -27.80
N GLN B 196 13.65 -12.20 -29.08
CA GLN B 196 13.83 -13.58 -29.55
C GLN B 196 14.98 -14.23 -28.77
N THR B 197 16.07 -13.49 -28.57
CA THR B 197 17.24 -13.95 -27.81
C THR B 197 16.84 -14.32 -26.37
N TRP B 198 16.07 -13.43 -25.72
CA TRP B 198 15.58 -13.70 -24.37
C TRP B 198 14.75 -14.99 -24.37
N MET B 199 13.77 -15.05 -25.28
CA MET B 199 12.81 -16.13 -25.36
C MET B 199 13.54 -17.45 -25.64
N ASP B 200 14.53 -17.40 -26.54
CA ASP B 200 15.28 -18.60 -26.96
C ASP B 200 16.09 -19.16 -25.80
N TYR B 201 16.58 -18.29 -24.90
CA TYR B 201 17.38 -18.76 -23.78
C TYR B 201 16.55 -19.68 -22.87
N THR B 202 15.27 -19.35 -22.65
CA THR B 202 14.39 -20.16 -21.80
C THR B 202 14.24 -21.59 -22.35
N LYS B 203 14.36 -21.75 -23.68
CA LYS B 203 14.23 -23.07 -24.33
C LYS B 203 15.35 -24.00 -23.81
N THR B 204 16.54 -23.43 -23.59
CA THR B 204 17.73 -24.19 -23.19
C THR B 204 17.67 -24.60 -21.71
N THR B 205 16.88 -23.90 -20.89
CA THR B 205 16.84 -24.16 -19.44
C THR B 205 15.54 -24.85 -19.00
N ALA B 206 14.50 -24.85 -19.86
CA ALA B 206 13.12 -25.21 -19.46
C ALA B 206 13.05 -26.64 -18.87
N ALA B 207 13.56 -27.63 -19.61
CA ALA B 207 13.49 -29.03 -19.17
C ALA B 207 14.29 -29.22 -17.87
N HIS B 208 15.51 -28.68 -17.81
CA HIS B 208 16.38 -28.85 -16.63
C HIS B 208 15.70 -28.28 -15.38
N ILE B 209 14.97 -27.16 -15.53
CA ILE B 209 14.36 -26.50 -14.39
C ILE B 209 13.00 -27.13 -14.07
N PHE B 210 12.18 -27.50 -15.08
CA PHE B 210 10.76 -27.83 -14.80
C PHE B 210 10.38 -29.29 -15.08
N TYR B 211 11.18 -30.04 -15.85
CA TYR B 211 10.77 -31.40 -16.24
C TYR B 211 11.40 -32.43 -15.30
N GLN B 212 10.57 -33.06 -14.46
CA GLN B 212 11.02 -34.04 -13.48
C GLN B 212 11.22 -35.42 -14.14
N GLY B 213 10.43 -35.71 -15.17
CA GLY B 213 10.49 -36.98 -15.89
C GLY B 213 9.16 -37.69 -15.81
N GLU B 214 8.95 -38.66 -16.72
CA GLU B 214 7.74 -39.48 -16.78
C GLU B 214 6.50 -38.58 -16.88
N GLY B 215 6.62 -37.49 -17.63
CA GLY B 215 5.53 -36.57 -17.94
C GLY B 215 5.20 -35.59 -16.83
N LYS B 216 6.00 -35.59 -15.76
CA LYS B 216 5.76 -34.73 -14.60
C LYS B 216 6.51 -33.41 -14.77
N VAL B 217 5.76 -32.31 -14.74
CA VAL B 217 6.28 -30.95 -14.89
C VAL B 217 5.96 -30.16 -13.61
N CYS B 218 6.97 -29.58 -12.96
CA CYS B 218 6.74 -28.86 -11.68
C CYS B 218 5.79 -27.68 -11.91
N ALA B 219 4.78 -27.55 -11.06
CA ALA B 219 3.99 -26.33 -10.97
C ALA B 219 4.88 -25.21 -10.41
N VAL B 220 5.66 -25.54 -9.38
CA VAL B 220 6.65 -24.64 -8.80
C VAL B 220 7.97 -25.43 -8.63
N THR B 221 9.06 -24.86 -9.16
CA THR B 221 10.38 -25.42 -8.98
C THR B 221 11.09 -24.66 -7.85
N ASP B 222 11.64 -25.44 -6.92
CA ASP B 222 12.53 -24.96 -5.86
C ASP B 222 13.97 -25.01 -6.38
N ILE B 223 14.64 -23.86 -6.27
CA ILE B 223 16.00 -23.64 -6.73
C ILE B 223 16.91 -23.65 -5.49
N LYS B 224 18.02 -24.37 -5.53
CA LYS B 224 18.92 -24.41 -4.38
C LYS B 224 19.35 -22.98 -4.06
N ASN B 225 19.83 -22.24 -5.06
CA ASN B 225 20.30 -20.89 -4.84
C ASN B 225 20.24 -20.10 -6.16
N GLN B 226 19.30 -19.14 -6.20
CA GLN B 226 19.01 -18.28 -7.36
C GLN B 226 20.24 -17.48 -7.80
N SER B 227 21.22 -17.29 -6.90
CA SER B 227 22.43 -16.55 -7.24
C SER B 227 23.39 -17.40 -8.07
N LEU B 228 23.24 -18.73 -8.04
CA LEU B 228 24.13 -19.64 -8.79
C LEU B 228 23.60 -19.83 -10.21
N PRO B 229 24.46 -19.76 -11.26
CA PRO B 229 24.08 -20.16 -12.61
C PRO B 229 23.35 -21.51 -12.66
N VAL B 230 22.60 -21.71 -13.75
CA VAL B 230 21.72 -22.87 -13.90
C VAL B 230 22.56 -24.16 -13.77
N TYR B 231 23.77 -24.15 -14.35
CA TYR B 231 24.61 -25.34 -14.39
C TYR B 231 25.84 -25.19 -13.48
N HIS B 232 25.76 -24.31 -12.48
CA HIS B 232 26.79 -24.31 -11.43
C HIS B 232 26.82 -25.68 -10.78
N PRO B 233 28.01 -26.25 -10.46
CA PRO B 233 28.08 -27.62 -9.94
C PRO B 233 27.25 -27.89 -8.68
N GLU B 234 26.92 -26.84 -7.92
CA GLU B 234 26.15 -26.95 -6.67
C GLU B 234 24.64 -26.66 -6.88
N GLN B 235 24.26 -26.16 -8.06
CA GLN B 235 22.87 -25.78 -8.30
C GLN B 235 22.02 -27.06 -8.40
N THR B 236 20.82 -27.02 -7.84
CA THR B 236 19.82 -28.09 -8.05
C THR B 236 18.43 -27.47 -8.23
N TYR B 237 17.56 -28.24 -8.87
CA TYR B 237 16.15 -27.91 -9.08
C TYR B 237 15.30 -29.13 -8.69
N ALA B 238 14.22 -28.90 -7.97
CA ALA B 238 13.30 -29.95 -7.61
C ALA B 238 11.88 -29.38 -7.59
N CYS B 239 10.89 -30.21 -7.95
CA CYS B 239 9.51 -29.79 -7.86
C CYS B 239 9.16 -29.54 -6.39
N GLU B 240 8.36 -28.50 -6.16
CA GLU B 240 7.84 -28.23 -4.84
C GLU B 240 6.66 -29.17 -4.59
N GLY B 241 6.83 -30.07 -3.63
CA GLY B 241 5.88 -31.12 -3.34
C GLY B 241 5.56 -31.96 -4.57
N THR B 242 4.27 -32.25 -4.75
CA THR B 242 3.80 -33.20 -5.74
C THR B 242 2.74 -32.52 -6.64
N SER B 243 2.83 -31.19 -6.77
CA SER B 243 1.98 -30.37 -7.64
C SER B 243 2.61 -30.24 -9.04
N TYR B 244 1.92 -30.76 -10.05
CA TYR B 244 2.42 -30.75 -11.42
C TYR B 244 1.46 -30.00 -12.33
N LEU B 245 2.01 -29.44 -13.41
CA LEU B 245 1.22 -28.91 -14.50
C LEU B 245 0.72 -30.11 -15.32
N ASN B 246 -0.45 -30.64 -14.93
CA ASN B 246 -0.95 -31.89 -15.47
C ASN B 246 -2.41 -31.77 -15.90
N ASP B 247 -2.90 -30.54 -16.13
CA ASP B 247 -4.32 -30.33 -16.40
C ASP B 247 -4.50 -29.46 -17.63
N PRO B 248 -5.75 -29.33 -18.15
CA PRO B 248 -6.00 -28.55 -19.36
C PRO B 248 -6.15 -27.02 -19.18
N TYR B 249 -5.80 -26.49 -18.01
CA TYR B 249 -5.98 -25.06 -17.73
C TYR B 249 -4.69 -24.33 -18.16
N GLU B 250 -4.34 -23.22 -17.50
CA GLU B 250 -3.39 -22.25 -18.09
C GLU B 250 -1.99 -22.86 -18.21
N GLY B 251 -1.69 -23.83 -17.34
CA GLY B 251 -0.40 -24.48 -17.31
C GLY B 251 -0.09 -25.28 -18.57
N GLU B 252 -1.13 -25.56 -19.38
CA GLU B 252 -0.93 -26.30 -20.63
C GLU B 252 -0.02 -25.52 -21.59
N LEU B 253 0.01 -24.19 -21.49
CA LEU B 253 0.89 -23.37 -22.31
C LEU B 253 2.35 -23.78 -22.08
N PHE B 254 2.70 -24.06 -20.83
CA PHE B 254 4.07 -24.43 -20.51
C PHE B 254 4.39 -25.82 -21.05
N THR B 255 3.41 -26.74 -21.00
CA THR B 255 3.56 -28.06 -21.61
C THR B 255 4.04 -27.93 -23.05
N TRP B 256 3.39 -27.07 -23.84
CA TRP B 256 3.73 -26.84 -25.25
C TRP B 256 5.16 -26.30 -25.38
N TRP B 257 5.57 -25.43 -24.45
CA TRP B 257 6.91 -24.88 -24.45
C TRP B 257 7.95 -26.01 -24.36
N LEU B 258 7.74 -26.93 -23.43
CA LEU B 258 8.63 -28.07 -23.26
C LEU B 258 8.62 -28.95 -24.52
N GLN B 259 7.42 -29.24 -25.04
CA GLN B 259 7.30 -30.13 -26.18
C GLN B 259 8.07 -29.58 -27.39
N PHE B 260 7.79 -28.32 -27.75
CA PHE B 260 8.34 -27.78 -28.98
C PHE B 260 9.82 -27.41 -28.82
N PHE B 261 10.24 -26.94 -27.63
CA PHE B 261 11.51 -26.22 -27.51
C PHE B 261 12.45 -26.80 -26.42
N GLY B 262 11.99 -27.78 -25.64
CA GLY B 262 12.70 -28.18 -24.43
C GLY B 262 13.81 -29.19 -24.67
N GLY B 263 13.83 -29.79 -25.87
CA GLY B 263 14.75 -30.88 -26.22
C GLY B 263 14.33 -32.22 -25.62
N LEU B 264 13.04 -32.43 -25.42
CA LEU B 264 12.53 -33.69 -24.89
C LEU B 264 12.55 -34.75 -26.01
N SER B 265 12.72 -36.02 -25.63
CA SER B 265 12.59 -37.16 -26.56
C SER B 265 11.11 -37.36 -26.91
N ASP B 266 10.86 -38.12 -27.98
CA ASP B 266 9.52 -38.47 -28.41
C ASP B 266 8.78 -39.19 -27.27
N ALA B 267 9.50 -40.06 -26.54
CA ALA B 267 8.93 -40.81 -25.41
C ALA B 267 8.46 -39.86 -24.30
N ASP B 268 9.24 -38.80 -24.03
CA ASP B 268 8.94 -37.83 -22.97
C ASP B 268 7.76 -36.93 -23.38
N ILE B 269 7.70 -36.56 -24.67
CA ILE B 269 6.55 -35.82 -25.23
C ILE B 269 5.28 -36.66 -25.05
N GLU B 270 5.34 -37.95 -25.38
CA GLU B 270 4.17 -38.82 -25.21
C GLU B 270 3.81 -38.90 -23.73
N ALA B 271 4.83 -38.96 -22.85
CA ALA B 271 4.60 -39.03 -21.40
C ALA B 271 3.91 -37.74 -20.88
N LEU B 272 4.25 -36.58 -21.45
CA LEU B 272 3.58 -35.32 -21.07
C LEU B 272 2.07 -35.47 -21.19
N TRP B 273 1.62 -35.96 -22.37
CA TRP B 273 0.21 -36.00 -22.68
C TRP B 273 -0.47 -37.17 -21.95
N GLU B 274 0.27 -38.26 -21.74
CA GLU B 274 -0.24 -39.41 -21.02
C GLU B 274 -0.55 -39.02 -19.57
N TYR B 275 0.40 -38.34 -18.94
CA TYR B 275 0.28 -37.97 -17.54
C TYR B 275 -0.83 -36.93 -17.36
N LYS B 276 -1.09 -36.14 -18.42
CA LYS B 276 -2.10 -35.09 -18.41
C LYS B 276 -3.51 -35.68 -18.58
N ARG B 277 -3.60 -36.84 -19.23
CA ARG B 277 -4.86 -37.35 -19.81
C ARG B 277 -5.96 -37.50 -18.76
N PRO B 278 -5.70 -38.03 -17.55
CA PRO B 278 -6.76 -38.19 -16.56
C PRO B 278 -7.41 -36.89 -16.07
N GLN B 279 -6.77 -35.73 -16.33
CA GLN B 279 -7.30 -34.44 -15.88
C GLN B 279 -8.14 -33.77 -16.98
N LEU B 280 -8.20 -34.40 -18.16
CA LEU B 280 -9.05 -33.96 -19.27
C LEU B 280 -10.31 -34.81 -19.25
N VAL B 281 -11.44 -34.20 -18.83
CA VAL B 281 -12.64 -34.93 -18.45
C VAL B 281 -13.88 -34.24 -19.05
N SER B 282 -14.79 -35.05 -19.58
CA SER B 282 -16.08 -34.61 -20.07
C SER B 282 -17.11 -34.71 -18.95
N VAL B 283 -17.86 -33.63 -18.71
CA VAL B 283 -18.99 -33.65 -17.78
C VAL B 283 -20.12 -32.81 -18.37
N ASP B 284 -21.33 -33.10 -17.89
CA ASP B 284 -22.52 -32.43 -18.36
C ASP B 284 -23.01 -31.48 -17.27
N TYR B 285 -23.12 -30.19 -17.62
CA TYR B 285 -23.81 -29.19 -16.80
C TYR B 285 -25.32 -29.39 -16.96
N HIS B 286 -26.04 -29.47 -15.84
CA HIS B 286 -27.51 -29.59 -15.90
C HIS B 286 -28.10 -29.10 -14.58
N ILE B 287 -28.69 -27.89 -14.60
CA ILE B 287 -29.40 -27.32 -13.47
C ILE B 287 -30.68 -26.66 -13.98
N GLY B 288 -31.78 -26.92 -13.26
CA GLY B 288 -33.11 -26.51 -13.67
C GLY B 288 -33.39 -26.95 -15.11
N ASN B 289 -33.83 -26.00 -15.93
CA ASN B 289 -34.22 -26.25 -17.32
C ASN B 289 -33.04 -25.98 -18.27
N VAL B 290 -31.81 -25.83 -17.73
CA VAL B 290 -30.64 -25.52 -18.55
C VAL B 290 -29.78 -26.78 -18.63
N GLY B 291 -29.72 -27.36 -19.84
CA GLY B 291 -28.84 -28.48 -20.14
C GLY B 291 -29.61 -29.78 -20.40
N PRO B 292 -28.92 -30.94 -20.54
CA PRO B 292 -27.48 -31.03 -20.30
C PRO B 292 -26.61 -30.30 -21.33
N ILE B 293 -25.50 -29.71 -20.88
CA ILE B 293 -24.47 -29.13 -21.73
C ILE B 293 -23.13 -29.80 -21.40
N THR B 294 -22.55 -30.48 -22.39
CA THR B 294 -21.24 -31.13 -22.23
C THR B 294 -20.13 -30.07 -22.26
N VAL B 295 -19.30 -30.08 -21.21
CA VAL B 295 -18.19 -29.17 -21.09
C VAL B 295 -16.94 -29.94 -20.68
N GLN B 296 -15.79 -29.30 -20.89
CA GLN B 296 -14.56 -29.68 -20.22
C GLN B 296 -14.69 -29.36 -18.72
N LYS B 297 -14.50 -30.39 -17.89
CA LYS B 297 -14.53 -30.22 -16.45
C LYS B 297 -13.44 -29.24 -16.05
N GLY B 298 -13.81 -28.26 -15.20
CA GLY B 298 -12.93 -27.20 -14.78
C GLY B 298 -12.23 -27.54 -13.46
N TYR B 299 -11.32 -26.68 -13.05
CA TYR B 299 -10.73 -26.81 -11.72
C TYR B 299 -11.77 -26.28 -10.73
N TRP B 300 -12.09 -24.99 -10.83
CA TRP B 300 -13.30 -24.40 -10.21
C TRP B 300 -14.36 -24.11 -11.27
N PHE B 301 -13.96 -24.12 -12.55
CA PHE B 301 -14.68 -23.51 -13.68
C PHE B 301 -14.75 -21.99 -13.50
N SER B 302 -13.70 -21.43 -12.88
CA SER B 302 -13.36 -20.02 -12.98
C SER B 302 -13.00 -19.71 -14.44
N SER B 303 -13.42 -18.54 -14.91
CA SER B 303 -13.15 -18.10 -16.28
C SER B 303 -11.64 -18.09 -16.58
N HIS B 304 -10.82 -17.79 -15.57
CA HIS B 304 -9.36 -17.61 -15.78
C HIS B 304 -8.74 -18.92 -16.32
N GLU B 305 -9.35 -20.07 -16.02
CA GLU B 305 -8.82 -21.39 -16.40
C GLU B 305 -8.76 -21.56 -17.93
N THR B 306 -9.45 -20.69 -18.68
CA THR B 306 -9.60 -20.75 -20.14
C THR B 306 -8.53 -19.90 -20.85
N TRP B 307 -7.64 -19.29 -20.07
CA TRP B 307 -6.58 -18.35 -20.50
C TRP B 307 -5.83 -18.82 -21.75
N LYS B 308 -5.54 -20.13 -21.84
CA LYS B 308 -4.64 -20.66 -22.89
C LYS B 308 -5.16 -20.32 -24.30
N VAL B 309 -6.48 -20.19 -24.47
CA VAL B 309 -7.08 -20.01 -25.80
C VAL B 309 -6.76 -18.60 -26.33
N LEU B 310 -6.38 -17.68 -25.44
CA LEU B 310 -5.95 -16.33 -25.82
C LEU B 310 -4.57 -16.36 -26.50
N GLU B 311 -3.78 -17.41 -26.25
CA GLU B 311 -2.35 -17.39 -26.57
C GLU B 311 -1.98 -18.41 -27.66
N MET B 312 -2.77 -19.46 -27.88
CA MET B 312 -2.47 -20.44 -28.93
C MET B 312 -3.75 -20.78 -29.67
N PRO B 313 -3.67 -21.18 -30.96
CA PRO B 313 -4.87 -21.34 -31.80
C PRO B 313 -5.66 -22.63 -31.55
N TYR B 314 -6.10 -22.82 -30.28
CA TYR B 314 -6.96 -23.91 -29.89
C TYR B 314 -8.25 -23.93 -30.73
N TYR B 315 -8.79 -22.74 -31.07
CA TYR B 315 -10.10 -22.66 -31.72
C TYR B 315 -10.01 -22.87 -33.24
N ASP B 316 -8.80 -23.13 -33.77
CA ASP B 316 -8.62 -23.67 -35.13
C ASP B 316 -9.12 -25.12 -35.19
N ILE B 317 -9.21 -25.81 -34.05
CA ILE B 317 -9.69 -27.19 -33.98
C ILE B 317 -11.18 -27.16 -33.60
N ASP B 318 -12.03 -27.69 -34.49
CA ASP B 318 -13.47 -27.53 -34.40
C ASP B 318 -14.02 -28.21 -33.13
N ILE B 319 -13.54 -29.42 -32.80
CA ILE B 319 -14.04 -30.12 -31.59
C ILE B 319 -13.73 -29.26 -30.34
N ILE B 320 -12.59 -28.58 -30.36
CA ILE B 320 -12.18 -27.76 -29.23
C ILE B 320 -13.05 -26.51 -29.17
N ARG B 321 -13.22 -25.85 -30.33
CA ARG B 321 -14.06 -24.66 -30.41
C ARG B 321 -15.47 -24.98 -29.88
N ARG B 322 -16.01 -26.15 -30.24
CA ARG B 322 -17.37 -26.54 -29.85
C ARG B 322 -17.46 -26.77 -28.33
N VAL B 323 -16.47 -27.49 -27.76
CA VAL B 323 -16.43 -27.76 -26.32
C VAL B 323 -16.33 -26.43 -25.54
N PHE B 324 -15.50 -25.52 -26.04
CA PHE B 324 -15.31 -24.22 -25.36
C PHE B 324 -16.50 -23.28 -25.60
N GLN B 325 -17.19 -23.41 -26.74
CA GLN B 325 -18.43 -22.68 -26.96
C GLN B 325 -19.47 -23.14 -25.93
N ASN B 326 -19.57 -24.47 -25.73
CA ASN B 326 -20.46 -25.04 -24.74
C ASN B 326 -20.19 -24.44 -23.36
N ALA B 327 -18.90 -24.22 -23.03
CA ALA B 327 -18.53 -23.68 -21.73
C ALA B 327 -19.28 -22.36 -21.48
N GLU B 328 -19.46 -21.55 -22.52
CA GLU B 328 -20.05 -20.22 -22.40
C GLU B 328 -21.57 -20.30 -22.38
N ARG B 329 -22.13 -21.34 -23.00
CA ARG B 329 -23.55 -21.67 -22.83
C ARG B 329 -23.81 -21.95 -21.35
N ALA B 330 -22.95 -22.78 -20.75
CA ALA B 330 -23.07 -23.16 -19.36
C ALA B 330 -22.82 -21.95 -18.45
N ARG B 331 -21.80 -21.15 -18.76
CA ARG B 331 -21.36 -20.08 -17.85
C ARG B 331 -22.45 -19.00 -17.78
N THR B 332 -22.95 -18.55 -18.94
CA THR B 332 -23.96 -17.49 -19.00
C THR B 332 -25.28 -18.01 -18.39
N CYS B 333 -25.73 -19.18 -18.82
CA CYS B 333 -27.05 -19.69 -18.43
C CYS B 333 -27.04 -20.15 -16.97
N ASN B 334 -25.89 -20.60 -16.46
CA ASN B 334 -25.75 -20.97 -15.05
C ASN B 334 -26.11 -19.77 -14.16
N SER B 335 -25.66 -18.58 -14.57
CA SER B 335 -25.88 -17.37 -13.77
C SER B 335 -27.36 -16.96 -13.82
N VAL B 336 -28.01 -17.10 -14.99
CA VAL B 336 -29.45 -16.85 -15.11
C VAL B 336 -30.22 -17.82 -14.19
N VAL B 337 -29.97 -19.12 -14.31
CA VAL B 337 -30.80 -20.10 -13.57
C VAL B 337 -30.52 -19.99 -12.06
N THR B 338 -29.31 -19.60 -11.64
CA THR B 338 -29.02 -19.45 -10.19
C THR B 338 -29.20 -18.00 -9.75
N GLN B 339 -29.66 -17.13 -10.66
CA GLN B 339 -30.15 -15.75 -10.39
C GLN B 339 -29.00 -14.87 -9.88
N VAL B 340 -27.86 -14.91 -10.60
CA VAL B 340 -26.66 -14.15 -10.28
C VAL B 340 -26.49 -13.07 -11.34
N PRO B 341 -26.31 -11.79 -10.94
CA PRO B 341 -26.17 -10.68 -11.90
C PRO B 341 -24.76 -10.48 -12.47
N GLY B 342 -24.02 -11.58 -12.55
CA GLY B 342 -22.67 -11.60 -13.08
C GLY B 342 -22.19 -13.03 -13.22
N MET B 343 -20.89 -13.21 -13.48
CA MET B 343 -20.30 -14.52 -13.54
C MET B 343 -19.02 -14.55 -12.69
N PHE B 344 -18.47 -15.75 -12.51
CA PHE B 344 -17.49 -16.05 -11.47
C PHE B 344 -16.10 -16.35 -12.04
N ALA B 345 -15.09 -15.83 -11.35
CA ALA B 345 -13.70 -16.13 -11.61
C ALA B 345 -12.89 -15.81 -10.34
N SER B 346 -11.73 -16.48 -10.20
CA SER B 346 -10.79 -16.18 -9.14
C SER B 346 -10.55 -14.67 -9.12
N ILE B 347 -10.63 -14.07 -7.93
CA ILE B 347 -10.71 -12.62 -7.81
C ILE B 347 -10.38 -12.17 -6.37
N ASN B 348 -9.89 -10.94 -6.24
CA ASN B 348 -9.77 -10.28 -4.95
C ASN B 348 -11.17 -10.06 -4.34
N ASN B 349 -11.22 -10.22 -3.02
CA ASN B 349 -12.39 -9.99 -2.20
C ASN B 349 -12.59 -8.49 -2.01
N VAL B 350 -13.68 -8.13 -1.34
CA VAL B 350 -14.08 -6.74 -1.12
C VAL B 350 -13.04 -6.01 -0.26
N THR B 351 -13.04 -4.69 -0.41
CA THR B 351 -12.31 -3.77 0.44
C THR B 351 -13.12 -3.55 1.72
N ASP B 352 -12.41 -3.53 2.85
CA ASP B 352 -12.91 -3.01 4.10
C ASP B 352 -12.75 -1.49 4.05
N PRO B 353 -13.86 -0.72 3.94
CA PRO B 353 -13.75 0.74 3.82
C PRO B 353 -12.97 1.38 4.99
N ALA B 354 -13.06 0.78 6.18
CA ALA B 354 -12.40 1.32 7.39
C ALA B 354 -10.88 1.32 7.21
N THR B 355 -10.32 0.24 6.62
CA THR B 355 -8.86 0.06 6.50
C THR B 355 -8.35 0.45 5.12
N GLY B 356 -9.21 0.33 4.10
CA GLY B 356 -8.80 0.48 2.71
C GLY B 356 -8.09 -0.77 2.19
N ASP B 357 -8.12 -1.87 2.96
CA ASP B 357 -7.46 -3.12 2.55
C ASP B 357 -8.50 -4.08 1.99
N VAL B 358 -8.07 -4.85 0.99
CA VAL B 358 -8.78 -5.99 0.49
C VAL B 358 -8.74 -7.10 1.55
N VAL B 359 -9.87 -7.75 1.83
CA VAL B 359 -9.96 -8.67 2.97
C VAL B 359 -9.32 -10.03 2.64
N GLY B 360 -9.13 -10.35 1.36
CA GLY B 360 -8.45 -11.58 0.96
C GLY B 360 -8.63 -11.85 -0.52
N TYR B 361 -8.14 -13.01 -0.97
CA TYR B 361 -8.28 -13.44 -2.36
C TYR B 361 -9.16 -14.69 -2.44
N ILE B 362 -10.16 -14.65 -3.33
CA ILE B 362 -11.10 -15.77 -3.54
C ILE B 362 -10.67 -16.53 -4.79
N SER B 363 -9.99 -17.66 -4.59
CA SER B 363 -9.56 -18.55 -5.66
C SER B 363 -10.75 -19.34 -6.21
N ASN B 364 -11.57 -19.85 -5.29
CA ASN B 364 -12.51 -20.93 -5.55
C ASN B 364 -13.90 -20.35 -5.93
N ALA B 365 -13.94 -19.57 -7.02
CA ALA B 365 -15.16 -18.99 -7.53
C ALA B 365 -15.36 -19.44 -8.99
N GLY B 366 -16.41 -20.24 -9.19
CA GLY B 366 -16.76 -20.76 -10.51
C GLY B 366 -18.13 -21.42 -10.50
N ILE B 367 -18.18 -22.66 -11.00
CA ILE B 367 -19.42 -23.42 -11.19
C ILE B 367 -19.18 -24.82 -10.66
N PRO B 368 -19.55 -25.09 -9.38
CA PRO B 368 -19.14 -26.30 -8.68
C PRO B 368 -19.55 -27.63 -9.32
N SER B 369 -20.72 -27.68 -9.98
CA SER B 369 -21.27 -28.93 -10.51
C SER B 369 -20.45 -29.44 -11.71
N ILE B 370 -19.58 -28.60 -12.28
CA ILE B 370 -18.76 -28.98 -13.44
C ILE B 370 -17.28 -28.70 -13.14
N ALA B 371 -16.91 -28.86 -11.86
CA ALA B 371 -15.60 -28.48 -11.32
C ALA B 371 -15.01 -29.63 -10.51
N ASN B 372 -13.69 -29.77 -10.61
CA ASN B 372 -12.91 -30.68 -9.81
C ASN B 372 -13.01 -30.29 -8.32
N GLN B 373 -12.94 -28.99 -8.05
CA GLN B 373 -12.99 -28.42 -6.71
C GLN B 373 -14.39 -27.87 -6.44
N THR B 374 -15.19 -28.60 -5.66
CA THR B 374 -16.62 -28.34 -5.56
C THR B 374 -16.94 -27.37 -4.41
N ILE B 375 -16.00 -27.17 -3.48
CA ILE B 375 -16.19 -26.25 -2.36
C ILE B 375 -15.79 -24.86 -2.84
N GLN B 376 -16.80 -24.00 -3.01
CA GLN B 376 -16.64 -22.72 -3.68
C GLN B 376 -17.32 -21.59 -2.90
N GLU B 377 -16.71 -20.41 -3.00
CA GLU B 377 -17.27 -19.15 -2.52
C GLU B 377 -17.84 -18.40 -3.73
N LEU B 378 -19.15 -18.12 -3.69
CA LEU B 378 -19.91 -17.58 -4.81
C LEU B 378 -20.62 -16.26 -4.41
N ASP B 379 -20.05 -15.51 -3.48
CA ASP B 379 -20.67 -14.26 -3.03
C ASP B 379 -20.13 -13.06 -3.84
N VAL B 380 -19.04 -13.25 -4.58
CA VAL B 380 -18.34 -12.16 -5.29
C VAL B 380 -18.23 -12.50 -6.78
N ILE B 381 -18.63 -11.53 -7.61
CA ILE B 381 -18.62 -11.61 -9.09
C ILE B 381 -17.66 -10.54 -9.64
N THR B 382 -17.20 -10.75 -10.86
CA THR B 382 -16.18 -9.87 -11.47
C THR B 382 -16.42 -9.73 -12.97
N PRO B 383 -16.26 -8.51 -13.53
CA PRO B 383 -16.38 -8.28 -14.98
C PRO B 383 -15.50 -9.18 -15.86
N TYR B 384 -14.29 -9.56 -15.40
CA TYR B 384 -13.36 -10.30 -16.27
C TYR B 384 -13.84 -11.74 -16.51
N SER B 385 -14.82 -12.21 -15.72
CA SER B 385 -15.48 -13.50 -15.92
C SER B 385 -16.03 -13.63 -17.36
N VAL B 386 -16.28 -12.49 -18.03
CA VAL B 386 -16.86 -12.47 -19.37
C VAL B 386 -15.80 -12.75 -20.47
N PHE B 387 -14.50 -12.74 -20.15
CA PHE B 387 -13.51 -12.72 -21.24
C PHE B 387 -13.69 -13.92 -22.16
N PRO B 388 -13.95 -15.17 -21.67
CA PRO B 388 -14.10 -16.30 -22.58
C PRO B 388 -15.38 -16.20 -23.43
N THR B 389 -16.42 -15.57 -22.87
CA THR B 389 -17.68 -15.34 -23.58
C THR B 389 -17.44 -14.37 -24.74
N VAL B 390 -16.63 -13.34 -24.49
CA VAL B 390 -16.33 -12.29 -25.46
C VAL B 390 -15.73 -12.90 -26.73
N LEU B 391 -14.89 -13.94 -26.58
CA LEU B 391 -14.22 -14.59 -27.72
C LEU B 391 -15.25 -15.19 -28.69
N PHE B 392 -16.40 -15.65 -28.19
CA PHE B 392 -17.46 -16.26 -29.01
C PHE B 392 -18.54 -15.25 -29.41
N ASP B 393 -18.84 -14.27 -28.55
CA ASP B 393 -19.93 -13.31 -28.83
C ASP B 393 -19.68 -12.03 -28.01
N LYS B 394 -19.12 -11.00 -28.69
CA LYS B 394 -18.76 -9.70 -28.11
C LYS B 394 -19.97 -9.02 -27.44
N GLY B 395 -21.13 -9.13 -28.07
CA GLY B 395 -22.35 -8.50 -27.59
C GLY B 395 -22.78 -9.08 -26.25
N VAL B 396 -22.88 -10.42 -26.21
CA VAL B 396 -23.31 -11.11 -25.01
C VAL B 396 -22.26 -10.87 -23.92
N GLY B 397 -20.98 -11.04 -24.26
CA GLY B 397 -19.87 -10.77 -23.35
C GLY B 397 -20.01 -9.40 -22.70
N MET B 398 -20.23 -8.37 -23.53
CA MET B 398 -20.29 -6.99 -23.09
C MET B 398 -21.59 -6.70 -22.34
N ALA B 399 -22.67 -7.43 -22.64
CA ALA B 399 -23.91 -7.30 -21.88
C ALA B 399 -23.67 -7.72 -20.44
N TRP B 400 -22.97 -8.85 -20.25
CA TRP B 400 -22.64 -9.35 -18.92
C TRP B 400 -21.70 -8.37 -18.20
N TRP B 401 -20.70 -7.88 -18.94
CA TRP B 401 -19.75 -6.88 -18.46
C TRP B 401 -20.50 -5.64 -17.96
N ARG B 402 -21.40 -5.10 -18.79
CA ARG B 402 -22.20 -3.92 -18.48
C ARG B 402 -22.99 -4.16 -17.18
N ASN B 403 -23.66 -5.32 -17.11
CA ASN B 403 -24.54 -5.66 -15.98
C ASN B 403 -23.78 -5.54 -14.66
N MET B 404 -22.54 -6.05 -14.64
CA MET B 404 -21.69 -5.97 -13.46
C MET B 404 -21.15 -4.54 -13.27
N ALA B 405 -20.74 -3.88 -14.38
CA ALA B 405 -20.14 -2.53 -14.35
C ALA B 405 -21.12 -1.48 -13.83
N ILE B 406 -22.42 -1.73 -14.01
CA ILE B 406 -23.48 -0.82 -13.54
C ILE B 406 -23.66 -0.92 -12.02
N GLY B 407 -23.21 -2.00 -11.39
CA GLY B 407 -23.19 -2.07 -9.93
C GLY B 407 -22.52 -0.84 -9.33
N LYS B 408 -22.93 -0.44 -8.12
CA LYS B 408 -22.34 0.73 -7.49
C LYS B 408 -20.83 0.55 -7.37
N LYS B 409 -20.09 1.60 -7.73
CA LYS B 409 -18.62 1.71 -7.63
C LYS B 409 -17.91 0.79 -8.64
N MET B 410 -18.60 0.29 -9.66
CA MET B 410 -18.01 -0.75 -10.50
C MET B 410 -17.41 -0.16 -11.78
N GLN B 411 -17.50 1.16 -11.96
CA GLN B 411 -16.64 1.89 -12.88
C GLN B 411 -15.85 2.95 -12.10
N ASN B 412 -14.66 3.26 -12.63
CA ASN B 412 -13.76 4.25 -12.09
C ASN B 412 -13.02 4.91 -13.27
N ILE B 413 -12.19 5.92 -12.96
CA ILE B 413 -11.48 6.71 -13.97
C ILE B 413 -10.37 5.88 -14.62
N TYR B 414 -10.19 4.62 -14.21
CA TYR B 414 -9.26 3.69 -14.86
C TYR B 414 -10.03 2.49 -15.46
N GLY B 415 -11.34 2.64 -15.67
CA GLY B 415 -12.20 1.62 -16.27
C GLY B 415 -12.96 0.84 -15.22
N SER B 416 -13.10 -0.48 -15.45
CA SER B 416 -13.87 -1.35 -14.56
C SER B 416 -13.15 -1.54 -13.23
N THR B 417 -13.95 -1.77 -12.19
CA THR B 417 -13.49 -2.09 -10.85
C THR B 417 -13.33 -3.61 -10.73
N GLU B 418 -12.44 -4.04 -9.81
CA GLU B 418 -12.04 -5.46 -9.63
C GLU B 418 -13.26 -6.39 -9.52
N SER B 419 -14.14 -6.13 -8.55
CA SER B 419 -15.23 -7.06 -8.22
C SER B 419 -16.27 -6.39 -7.33
N THR B 420 -17.46 -7.00 -7.30
CA THR B 420 -18.56 -6.63 -6.41
C THR B 420 -19.17 -7.91 -5.82
N ARG B 421 -19.64 -7.81 -4.57
CA ARG B 421 -20.52 -8.82 -4.03
C ARG B 421 -21.76 -8.87 -4.93
N ARG B 422 -22.29 -10.07 -5.17
CA ARG B 422 -23.49 -10.20 -6.00
C ARG B 422 -24.69 -9.57 -5.27
N ASP B 423 -24.64 -9.44 -3.94
CA ASP B 423 -25.72 -8.82 -3.16
C ASP B 423 -25.51 -7.29 -3.06
N GLY B 424 -24.39 -6.79 -3.60
CA GLY B 424 -24.16 -5.35 -3.75
C GLY B 424 -23.81 -4.63 -2.46
N THR B 425 -23.44 -5.36 -1.39
CA THR B 425 -23.14 -4.76 -0.09
C THR B 425 -21.65 -4.43 0.06
N GLY B 426 -20.83 -4.82 -0.93
CA GLY B 426 -19.40 -4.60 -0.87
C GLY B 426 -18.75 -4.65 -2.25
N VAL B 427 -17.59 -4.00 -2.37
CA VAL B 427 -16.86 -3.88 -3.61
C VAL B 427 -15.37 -3.99 -3.29
N SER B 428 -14.60 -4.60 -4.20
CA SER B 428 -13.15 -4.59 -4.15
C SER B 428 -12.66 -3.32 -4.84
N ALA B 429 -12.26 -2.32 -4.05
CA ALA B 429 -11.86 -1.01 -4.58
C ALA B 429 -10.41 -1.11 -5.04
N LEU B 430 -10.23 -1.79 -6.18
CA LEU B 430 -8.95 -2.29 -6.62
C LEU B 430 -8.97 -2.41 -8.15
N LEU B 431 -7.78 -2.25 -8.75
CA LEU B 431 -7.54 -2.51 -10.16
C LEU B 431 -6.42 -3.56 -10.29
N THR B 432 -6.61 -4.58 -11.13
CA THR B 432 -5.54 -5.52 -11.46
C THR B 432 -5.58 -5.83 -12.96
N TRP B 433 -4.42 -6.23 -13.51
CA TRP B 433 -4.34 -6.69 -14.90
C TRP B 433 -5.31 -7.85 -15.11
N ASP B 434 -5.32 -8.80 -14.16
CA ASP B 434 -6.10 -10.02 -14.26
C ASP B 434 -7.60 -9.69 -14.41
N SER B 435 -8.12 -8.71 -13.66
CA SER B 435 -9.56 -8.42 -13.64
C SER B 435 -9.99 -7.42 -14.73
N LYS B 436 -9.04 -6.91 -15.52
CA LYS B 436 -9.33 -5.81 -16.44
C LYS B 436 -8.80 -6.07 -17.85
N VAL B 437 -7.52 -6.43 -17.96
CA VAL B 437 -6.83 -6.45 -19.24
C VAL B 437 -6.91 -7.85 -19.86
N SER B 438 -7.37 -8.84 -19.08
CA SER B 438 -7.82 -10.13 -19.63
C SER B 438 -8.97 -9.88 -20.61
N THR B 439 -9.95 -9.09 -20.17
CA THR B 439 -11.11 -8.73 -20.98
C THR B 439 -10.65 -7.95 -22.22
N VAL B 440 -9.76 -6.98 -22.02
CA VAL B 440 -9.23 -6.19 -23.12
C VAL B 440 -8.63 -7.13 -24.17
N ASN B 441 -7.81 -8.09 -23.73
CA ASN B 441 -7.11 -9.01 -24.64
C ASN B 441 -8.13 -9.88 -25.38
N ALA B 442 -9.23 -10.25 -24.73
CA ALA B 442 -10.31 -11.00 -25.38
C ALA B 442 -11.02 -10.13 -26.43
N ILE B 443 -11.25 -8.85 -26.14
CA ILE B 443 -11.87 -7.92 -27.09
C ILE B 443 -10.99 -7.82 -28.35
N LEU B 444 -9.67 -7.87 -28.20
CA LEU B 444 -8.69 -7.78 -29.31
C LEU B 444 -8.52 -9.12 -30.05
N GLY B 445 -9.20 -10.17 -29.58
CA GLY B 445 -9.25 -11.46 -30.25
C GLY B 445 -8.14 -12.41 -29.82
N GLY B 446 -7.50 -12.15 -28.68
CA GLY B 446 -6.31 -12.90 -28.25
C GLY B 446 -5.14 -12.66 -29.19
N VAL B 447 -4.05 -13.40 -29.01
CA VAL B 447 -2.87 -13.30 -29.88
C VAL B 447 -2.65 -14.61 -30.65
N SER B 448 -3.66 -15.50 -30.65
CA SER B 448 -3.52 -16.82 -31.26
C SER B 448 -3.26 -16.72 -32.77
N GLY B 449 -3.80 -15.69 -33.43
CA GLY B 449 -3.53 -15.41 -34.85
C GLY B 449 -2.05 -15.15 -35.12
N LEU B 450 -1.46 -14.22 -34.35
CA LEU B 450 -0.02 -13.94 -34.44
C LEU B 450 0.80 -15.19 -34.13
N VAL B 451 0.41 -15.94 -33.09
CA VAL B 451 1.13 -17.10 -32.65
C VAL B 451 1.06 -18.19 -33.74
N SER B 452 -0.14 -18.38 -34.32
CA SER B 452 -0.32 -19.39 -35.36
C SER B 452 0.55 -19.07 -36.58
N GLN B 453 0.67 -17.79 -36.93
CA GLN B 453 1.53 -17.39 -38.05
C GLN B 453 2.97 -17.85 -37.84
N LYS B 454 3.51 -17.57 -36.64
CA LYS B 454 4.91 -17.88 -36.30
C LYS B 454 5.08 -19.39 -36.15
N MET B 455 4.08 -20.07 -35.57
CA MET B 455 4.11 -21.53 -35.44
C MET B 455 4.19 -22.18 -36.83
N LYS B 456 3.41 -21.66 -37.78
CA LYS B 456 3.40 -22.17 -39.16
C LYS B 456 4.78 -21.94 -39.78
N ALA B 457 5.34 -20.74 -39.59
CA ALA B 457 6.65 -20.39 -40.12
C ALA B 457 7.75 -21.30 -39.53
N GLU B 458 7.57 -21.76 -38.28
CA GLU B 458 8.57 -22.59 -37.59
C GLU B 458 8.19 -24.06 -37.65
N ASN B 459 7.14 -24.37 -38.42
CA ASN B 459 6.71 -25.73 -38.72
C ASN B 459 6.40 -26.50 -37.42
N ILE B 460 5.73 -25.85 -36.47
CA ILE B 460 5.21 -26.58 -35.30
C ILE B 460 3.68 -26.53 -35.26
N TYR B 461 3.05 -25.75 -36.14
CA TYR B 461 1.58 -25.62 -36.18
C TYR B 461 0.91 -26.97 -36.41
N ASN B 462 1.41 -27.75 -37.39
CA ASN B 462 0.79 -29.03 -37.76
C ASN B 462 0.82 -29.98 -36.56
N THR B 463 1.94 -29.99 -35.84
CA THR B 463 2.12 -30.84 -34.66
C THR B 463 1.11 -30.45 -33.57
N PHE B 464 0.95 -29.14 -33.33
CA PHE B 464 -0.03 -28.63 -32.38
C PHE B 464 -1.42 -29.18 -32.70
N VAL B 465 -1.86 -28.96 -33.94
CA VAL B 465 -3.22 -29.35 -34.37
C VAL B 465 -3.40 -30.86 -34.17
N GLU B 466 -2.46 -31.66 -34.69
CA GLU B 466 -2.54 -33.11 -34.64
C GLU B 466 -2.68 -33.60 -33.19
N ARG B 467 -1.77 -33.13 -32.33
CA ARG B 467 -1.71 -33.56 -30.96
C ARG B 467 -2.99 -33.13 -30.23
N ILE B 468 -3.37 -31.85 -30.35
CA ILE B 468 -4.40 -31.32 -29.47
C ILE B 468 -5.78 -31.78 -29.95
N GLU B 469 -5.93 -31.96 -31.28
CA GLU B 469 -7.18 -32.52 -31.82
C GLU B 469 -7.31 -33.97 -31.35
N ALA B 470 -6.21 -34.73 -31.37
CA ALA B 470 -6.19 -36.11 -30.90
C ALA B 470 -6.66 -36.17 -29.44
N GLU B 471 -6.08 -35.33 -28.58
CA GLU B 471 -6.34 -35.42 -27.16
C GLU B 471 -7.81 -35.08 -26.88
N TYR B 472 -8.30 -33.99 -27.50
CA TYR B 472 -9.68 -33.52 -27.26
C TYR B 472 -10.70 -34.49 -27.89
N SER B 473 -10.43 -34.98 -29.11
CA SER B 473 -11.40 -35.84 -29.80
C SER B 473 -11.50 -37.21 -29.10
N ARG B 474 -10.48 -37.59 -28.32
CA ARG B 474 -10.50 -38.87 -27.59
C ARG B 474 -11.42 -38.79 -26.37
N VAL B 475 -11.61 -37.59 -25.80
CA VAL B 475 -12.38 -37.40 -24.57
C VAL B 475 -13.80 -36.90 -24.88
N PHE B 476 -13.95 -36.02 -25.88
CA PHE B 476 -15.20 -35.29 -26.13
C PHE B 476 -15.91 -35.88 -27.36
N LYS B 477 -16.82 -36.81 -27.10
CA LYS B 477 -17.70 -37.41 -28.12
C LYS B 477 -19.16 -37.13 -27.74
N ASN B 478 -20.04 -37.09 -28.75
CA ASN B 478 -21.48 -36.99 -28.54
C ASN B 478 -21.79 -35.82 -27.58
N LEU B 479 -21.27 -34.64 -27.91
CA LEU B 479 -21.57 -33.41 -27.15
C LEU B 479 -23.09 -33.26 -27.04
N LYS B 480 -23.57 -32.84 -25.86
CA LYS B 480 -24.93 -32.41 -25.66
C LYS B 480 -24.94 -30.89 -25.45
N GLY B 481 -26.09 -30.27 -25.77
CA GLY B 481 -26.39 -28.91 -25.36
C GLY B 481 -25.91 -27.88 -26.35
N GLU B 482 -25.50 -28.30 -27.54
CA GLU B 482 -24.93 -27.38 -28.53
C GLU B 482 -26.01 -26.47 -29.12
N HIS B 483 -27.30 -26.78 -28.90
CA HIS B 483 -28.40 -25.93 -29.34
C HIS B 483 -28.84 -24.94 -28.27
N VAL B 484 -28.26 -25.02 -27.06
CA VAL B 484 -28.60 -24.10 -25.97
C VAL B 484 -27.98 -22.73 -26.26
N PRO B 485 -28.79 -21.68 -26.54
CA PRO B 485 -28.24 -20.34 -26.77
C PRO B 485 -27.55 -19.78 -25.53
N PHE B 486 -26.58 -18.88 -25.76
CA PHE B 486 -26.02 -18.05 -24.70
C PHE B 486 -27.18 -17.30 -24.02
N CYS B 487 -27.09 -17.15 -22.70
CA CYS B 487 -28.09 -16.45 -21.91
C CYS B 487 -27.62 -15.02 -21.63
N LEU B 488 -28.59 -14.10 -21.50
CA LEU B 488 -28.35 -12.70 -21.18
C LEU B 488 -28.67 -12.47 -19.71
N PRO B 489 -28.06 -11.46 -19.05
CA PRO B 489 -28.37 -11.15 -17.65
C PRO B 489 -29.87 -10.90 -17.41
N GLN B 490 -30.42 -11.46 -16.33
CA GLN B 490 -31.82 -11.29 -15.97
C GLN B 490 -31.99 -10.64 -14.58
N GLU B 491 -30.89 -10.43 -13.86
CA GLU B 491 -30.90 -9.79 -12.55
C GLU B 491 -29.84 -8.69 -12.54
N THR B 492 -30.11 -7.62 -11.78
CA THR B 492 -29.16 -6.54 -11.59
C THR B 492 -28.45 -6.74 -10.24
N VAL B 493 -27.28 -6.09 -10.12
CA VAL B 493 -26.60 -6.00 -8.84
C VAL B 493 -27.46 -5.12 -7.95
N PRO B 494 -27.94 -5.59 -6.79
CA PRO B 494 -28.72 -4.74 -5.88
C PRO B 494 -27.98 -3.45 -5.49
N ASP B 495 -28.74 -2.35 -5.38
CA ASP B 495 -28.24 -1.12 -4.78
C ASP B 495 -28.65 -1.10 -3.31
N THR B 496 -27.66 -1.15 -2.42
CA THR B 496 -27.89 -1.27 -0.99
C THR B 496 -27.38 -0.02 -0.26
N GLY B 497 -27.02 1.03 -1.00
CA GLY B 497 -26.59 2.28 -0.38
C GLY B 497 -25.12 2.61 -0.64
N LEU B 498 -24.37 1.72 -1.31
CA LEU B 498 -23.03 2.07 -1.77
C LEU B 498 -23.16 3.25 -2.74
N VAL B 499 -22.16 4.15 -2.72
CA VAL B 499 -22.17 5.37 -3.53
C VAL B 499 -21.02 5.28 -4.55
N ASP B 500 -21.32 5.60 -5.82
CA ASP B 500 -20.31 5.62 -6.86
C ASP B 500 -19.16 6.52 -6.44
N PHE B 501 -17.96 6.21 -6.95
CA PHE B 501 -16.78 7.04 -6.75
C PHE B 501 -17.07 8.47 -7.20
N THR B 502 -16.54 9.46 -6.47
CA THR B 502 -16.89 10.86 -6.73
C THR B 502 -16.28 11.36 -8.04
N THR B 503 -15.24 10.68 -8.55
CA THR B 503 -14.61 11.06 -9.83
C THR B 503 -15.27 10.31 -11.02
N CYS B 504 -16.21 9.41 -10.77
CA CYS B 504 -16.82 8.57 -11.83
C CYS B 504 -18.26 8.21 -11.47
N ASN B 505 -19.20 9.14 -11.75
CA ASN B 505 -20.61 8.98 -11.35
C ASN B 505 -21.55 9.63 -12.38
C1 NAG C . 1.70 -8.18 16.95
C2 NAG C . 0.30 -8.51 17.41
C3 NAG C . 0.37 -9.71 18.33
C4 NAG C . 0.98 -10.90 17.61
C5 NAG C . 2.30 -10.51 16.96
C6 NAG C . 2.78 -11.61 16.04
C7 NAG C . -1.05 -6.46 17.47
C8 NAG C . -1.68 -5.44 18.37
N2 NAG C . -0.31 -7.38 18.08
O3 NAG C . -0.94 -10.05 18.79
O4 NAG C . 1.21 -11.93 18.57
O5 NAG C . 2.20 -9.28 16.21
O6 NAG C . 4.07 -11.26 15.55
O7 NAG C . -1.20 -6.43 16.26
C1 NAG C . 0.60 -13.16 18.15
C2 NAG C . 1.20 -14.33 18.92
C3 NAG C . 0.50 -15.66 18.56
C4 NAG C . -1.03 -15.53 18.52
C5 NAG C . -1.38 -14.33 17.64
C6 NAG C . -2.88 -14.14 17.38
C7 NAG C . 3.62 -14.04 19.20
C8 NAG C . 4.94 -14.26 18.50
N2 NAG C . 2.57 -14.46 18.51
O3 NAG C . 0.84 -16.68 19.49
O4 NAG C . -1.56 -16.78 18.04
O5 NAG C . -0.83 -13.15 18.27
O6 NAG C . -3.50 -13.53 18.52
O7 NAG C . 3.54 -13.51 20.29
C1 GLC D . -6.09 8.22 23.02
C2 GLC D . -5.16 9.01 22.14
C3 GLC D . -3.72 8.90 22.62
C4 GLC D . -3.62 9.38 24.06
C5 GLC D . -4.60 8.56 24.92
C6 GLC D . -4.65 9.10 26.35
O1 GLC D . -5.75 6.83 22.81
O2 GLC D . -5.25 8.48 20.81
O3 GLC D . -2.83 9.67 21.81
O4 GLC D . -2.27 9.28 24.51
O5 GLC D . -5.92 8.61 24.38
O6 GLC D . -5.13 10.45 26.37
C2 BGC D . -4.60 9.38 18.68
C3 BGC D . -5.03 10.32 17.56
C4 BGC D . -6.47 10.03 17.14
C5 BGC D . -7.36 10.13 18.39
C6 BGC D . -8.83 9.83 18.15
C1 BGC D . -5.60 9.46 19.82
O2 BGC D . -3.35 9.77 19.20
O3 BGC D . -4.19 10.20 16.43
O4 BGC D . -6.88 10.98 16.17
O5 BGC D . -6.91 9.21 19.38
O6 BGC D . -8.96 8.53 17.64
C1 GLC E . -3.42 -23.37 -9.47
C2 GLC E . -3.12 -22.19 -10.38
C3 GLC E . -4.36 -21.73 -11.12
C4 GLC E . -4.89 -22.91 -11.93
C5 GLC E . -5.16 -24.10 -10.99
C6 GLC E . -5.56 -25.36 -11.75
O1 GLC E . -4.36 -22.93 -8.48
O2 GLC E . -2.67 -21.11 -9.56
O3 GLC E . -4.06 -20.65 -11.98
O4 GLC E . -6.04 -22.48 -12.66
O5 GLC E . -3.99 -24.44 -10.24
O6 GLC E . -4.48 -25.77 -12.60
C2 BGC E . -1.49 -19.12 -10.09
C3 BGC E . -0.12 -18.51 -10.37
C4 BGC E . 0.86 -18.95 -9.29
C5 BGC E . 0.88 -20.47 -9.20
C6 BGC E . 1.88 -20.98 -8.17
C1 BGC E . -1.38 -20.63 -9.90
O2 BGC E . -2.36 -18.85 -11.18
O3 BGC E . -0.22 -17.09 -10.36
O4 BGC E . 2.16 -18.45 -9.62
O5 BGC E . -0.43 -20.94 -8.88
O6 BGC E . 1.41 -20.68 -6.85
C1 NAG F . -12.73 28.66 5.82
C2 NAG F . -12.13 30.05 5.78
C3 NAG F . -13.12 31.05 6.35
C4 NAG F . -14.46 30.96 5.64
C5 NAG F . -14.92 29.51 5.69
C6 NAG F . -16.26 29.26 5.01
C7 NAG F . -9.75 30.50 6.14
C8 NAG F . -8.64 30.40 7.13
N2 NAG F . -10.92 30.04 6.55
O3 NAG F . -12.57 32.35 6.22
O4 NAG F . -15.44 31.79 6.29
O5 NAG F . -13.92 28.72 5.06
O6 NAG F . -16.00 28.99 3.63
O7 NAG F . -9.58 31.00 5.04
C1 NAG G . -24.49 17.16 3.17
C2 NAG G . -25.55 16.26 2.56
C3 NAG G . -25.48 16.27 1.03
C4 NAG G . -25.47 17.70 0.48
C5 NAG G . -24.38 18.52 1.18
C6 NAG G . -24.43 19.96 0.72
C7 NAG G . -26.14 14.24 3.81
C8 NAG G . -25.73 12.84 4.15
N2 NAG G . -25.32 14.89 2.98
O3 NAG G . -26.60 15.59 0.51
O4 NAG G . -25.17 17.69 -0.92
O5 NAG G . -24.58 18.47 2.59
O6 NAG G . -25.75 20.48 0.96
O7 NAG G . -27.15 14.77 4.27
C1 NAG H . -7.92 5.35 35.09
C2 NAG H . -8.14 4.87 36.52
C3 NAG H . -9.61 5.08 36.87
C4 NAG H . -9.92 6.57 36.76
C5 NAG H . -9.76 6.96 35.27
C6 NAG H . -10.06 8.43 35.00
C7 NAG H . -6.69 3.02 37.28
C8 NAG H . -6.50 1.54 37.28
N2 NAG H . -7.80 3.47 36.68
O3 NAG H . -9.84 4.63 38.18
O4 NAG H . -11.21 6.86 37.30
O5 NAG H . -8.40 6.70 34.91
O6 NAG H . -9.39 9.26 35.96
O7 NAG H . -5.86 3.76 37.76
C2 BGC I . -2.60 4.22 12.67
C3 BGC I . -1.40 3.78 11.81
C4 BGC I . -0.25 4.81 11.86
C5 BGC I . 0.04 5.21 13.32
C6 BGC I . 1.12 6.29 13.45
C1 BGC I . -2.14 4.64 14.06
O1 BGC I . -3.21 5.09 14.90
O2 BGC I . -3.49 3.12 12.81
O3 BGC I . -1.80 3.56 10.46
O4 BGC I . 0.95 4.29 11.24
O5 BGC I . -1.17 5.67 13.94
O6 BGC I . 0.65 7.49 12.85
C1 PEG J . 34.77 7.96 16.73
O1 PEG J . 34.60 9.30 17.18
C2 PEG J . 33.39 7.35 16.55
O2 PEG J . 33.37 6.52 15.38
C3 PEG J . 33.08 7.22 14.17
C4 PEG J . 32.39 6.29 13.22
O4 PEG J . 32.55 6.87 11.92
C1 PEG K . 2.52 -13.37 10.67
O1 PEG K . 2.12 -14.68 11.11
C2 PEG K . 3.34 -12.69 11.75
O2 PEG K . 4.68 -12.57 11.29
C3 PEG K . 5.51 -11.84 12.19
C4 PEG K . 6.92 -12.41 12.20
O4 PEG K . 7.35 -12.63 13.55
C1 NAG L . 21.22 -15.06 -18.64
C2 NAG L . 21.56 -14.77 -20.09
C3 NAG L . 22.45 -15.87 -20.69
C4 NAG L . 23.69 -16.04 -19.83
C5 NAG L . 23.21 -16.38 -18.43
C6 NAG L . 24.35 -16.73 -17.48
C7 NAG L . 20.14 -13.77 -21.79
C8 NAG L . 18.93 -13.97 -22.64
N2 NAG L . 20.35 -14.70 -20.87
O3 NAG L . 22.82 -15.56 -22.02
O4 NAG L . 24.53 -17.09 -20.37
O5 NAG L . 22.46 -15.26 -17.94
O6 NAG L . 24.94 -15.53 -17.01
O7 NAG L . 20.90 -12.82 -21.96
C1 NAG M . 23.69 -18.32 -2.38
C2 NAG M . 24.12 -18.29 -0.92
C3 NAG M . 24.95 -17.05 -0.63
C4 NAG M . 26.04 -16.88 -1.68
C5 NAG M . 25.42 -16.87 -3.07
C6 NAG M . 26.41 -16.56 -4.18
C7 NAG M . 22.57 -19.15 0.79
C8 NAG M . 21.39 -18.79 1.67
N2 NAG M . 22.96 -18.20 -0.05
O3 NAG M . 25.47 -17.14 0.71
O4 NAG M . 26.73 -15.64 -1.52
O5 NAG M . 24.80 -18.14 -3.26
O6 NAG M . 27.63 -17.30 -3.94
O7 NAG M . 23.11 -20.23 0.87
C1 NAG N . -14.51 -12.49 1.63
C2 NAG N . -13.97 -13.69 2.42
C3 NAG N . -15.09 -14.33 3.24
C4 NAG N . -15.74 -13.31 4.17
C5 NAG N . -16.17 -12.09 3.36
C6 NAG N . -16.66 -10.99 4.28
C7 NAG N . -12.01 -14.78 1.38
C8 NAG N . -11.48 -16.02 0.69
N2 NAG N . -13.34 -14.70 1.55
O3 NAG N . -14.52 -15.35 4.06
O4 NAG N . -16.84 -13.93 4.90
O5 NAG N . -15.08 -11.57 2.56
O6 NAG N . -17.24 -10.00 3.43
O7 NAG N . -11.28 -13.92 1.82
C1 NAG O . -9.93 -33.95 -9.28
C2 NAG O . -10.84 -35.13 -8.96
C3 NAG O . -9.99 -36.24 -8.38
C4 NAG O . -8.83 -36.55 -9.31
C5 NAG O . -7.99 -35.29 -9.53
C6 NAG O . -6.78 -35.54 -10.42
C7 NAG O . -13.14 -34.51 -8.39
C8 NAG O . -14.13 -34.18 -7.31
N2 NAG O . -11.90 -34.79 -8.02
O3 NAG O . -10.84 -37.37 -8.23
O4 NAG O . -8.04 -37.61 -8.76
O5 NAG O . -8.84 -34.31 -10.12
O6 NAG O . -7.23 -36.08 -11.67
O7 NAG O . -13.48 -34.49 -9.57
C2 BGC P . -2.60 -12.54 -5.26
C3 BGC P . -3.16 -11.11 -5.31
C4 BGC P . -3.36 -10.63 -6.76
C5 BGC P . -4.04 -11.70 -7.60
C6 BGC P . -4.25 -11.29 -9.06
C1 BGC P . -3.34 -13.47 -6.22
O1 BGC P . -2.82 -14.81 -6.19
O2 BGC P . -2.75 -13.11 -3.96
O3 BGC P . -2.31 -10.17 -4.65
O4 BGC P . -4.14 -9.42 -6.79
O5 BGC P . -3.26 -12.90 -7.53
O6 BGC P . -2.98 -11.13 -9.69
C1 PEG Q . -26.68 4.38 -27.19
O1 PEG Q . -26.44 4.33 -28.60
C2 PEG Q . -26.26 5.73 -26.62
O2 PEG Q . -25.21 5.53 -25.66
C3 PEG Q . -24.85 6.68 -24.90
C4 PEG Q . -23.84 7.51 -25.65
O4 PEG Q . -23.67 8.75 -24.95
#